data_3DTZ
#
_entry.id   3DTZ
#
_cell.length_a   66.403
_cell.length_b   135.728
_cell.length_c   74.147
_cell.angle_alpha   90.00
_cell.angle_beta   110.33
_cell.angle_gamma   90.00
#
_symmetry.space_group_name_H-M   'P 1 21 1'
#
loop_
_entity.id
_entity.type
_entity.pdbx_description
1 polymer 'Putative Chlorite dismutase TA0507'
2 non-polymer 'FORMIC ACID'
3 water water
#
_entity_poly.entity_id   1
_entity_poly.type   'polypeptide(L)'
_entity_poly.pdbx_seq_one_letter_code
;(MSE)GSSHHHHHHSSGLVPRGSH(MSE)TEIYTSVLSYRLLEGKAYSDADTRSLDR(MSE)(MSE)RSIDEFFSANPGY
INFHIYRSYRTDSDVIFWYSSRNPDL(MSE)ILAKERVQAS(MSE)RPIAVSSFSSISIYDESPYNA(MSE)NKKLEDSL
RLPPLRYFVAYP(MSE)SKTPDWYLLDFDTRKEI(MSE)HEHIK(MSE)ALNHPDEKGIRSYTTYSFGIGDQEFVVLYEI
PDIAAWSRVTEKLREARARKWIIKETPILLGRLVDAGDIAGFLL
;
_entity_poly.pdbx_strand_id   A,B,C,D,E
#
loop_
_chem_comp.id
_chem_comp.type
_chem_comp.name
_chem_comp.formula
FMT non-polymer 'FORMIC ACID' 'C H2 O2'
#
# COMPACT_ATOMS: atom_id res chain seq x y z
N THR A 22 -5.18 -0.83 -37.38
CA THR A 22 -6.65 -0.93 -37.18
C THR A 22 -6.98 -1.54 -35.80
N GLU A 23 -6.13 -1.28 -34.82
CA GLU A 23 -6.24 -1.90 -33.49
C GLU A 23 -7.54 -1.53 -32.77
N ILE A 24 -7.92 -2.35 -31.79
CA ILE A 24 -9.07 -2.10 -30.94
C ILE A 24 -8.62 -1.98 -29.48
N TYR A 25 -8.95 -0.84 -28.89
CA TYR A 25 -8.67 -0.56 -27.48
C TYR A 25 -9.81 -1.04 -26.58
N THR A 26 -9.49 -1.39 -25.34
CA THR A 26 -10.53 -1.74 -24.36
C THR A 26 -10.16 -1.24 -22.96
N SER A 27 -11.17 -0.90 -22.18
N SER A 27 -11.18 -0.93 -22.17
CA SER A 27 -10.95 -0.53 -20.78
CA SER A 27 -10.97 -0.48 -20.80
C SER A 27 -11.92 -1.26 -19.89
C SER A 27 -11.93 -1.20 -19.88
N VAL A 28 -11.46 -1.51 -18.67
CA VAL A 28 -12.27 -2.08 -17.62
C VAL A 28 -12.13 -1.08 -16.48
N LEU A 29 -13.27 -0.59 -15.99
CA LEU A 29 -13.27 0.39 -14.89
C LEU A 29 -14.14 -0.17 -13.76
N SER A 30 -13.70 -0.03 -12.51
CA SER A 30 -14.58 -0.42 -11.42
C SER A 30 -14.75 0.71 -10.41
N TYR A 31 -15.92 0.78 -9.82
CA TYR A 31 -16.23 1.85 -8.89
C TYR A 31 -16.93 1.32 -7.65
N ARG A 32 -16.74 2.05 -6.54
N ARG A 32 -16.74 2.04 -6.54
CA ARG A 32 -17.34 1.72 -5.26
CA ARG A 32 -17.41 1.68 -5.29
C ARG A 32 -18.12 2.94 -4.75
C ARG A 32 -18.11 2.91 -4.73
N LEU A 33 -19.40 2.77 -4.44
CA LEU A 33 -20.20 3.85 -3.85
C LEU A 33 -19.61 4.23 -2.48
N LEU A 34 -19.51 5.54 -2.25
CA LEU A 34 -18.94 6.06 -1.01
C LEU A 34 -19.75 5.63 0.18
N GLU A 35 -19.06 5.28 1.26
CA GLU A 35 -19.70 4.87 2.52
C GLU A 35 -19.96 6.11 3.38
N GLY A 36 -20.80 5.98 4.41
CA GLY A 36 -21.11 7.08 5.32
C GLY A 36 -22.37 7.87 4.96
N LYS A 37 -23.05 7.44 3.90
CA LYS A 37 -24.25 8.12 3.39
C LYS A 37 -25.44 7.16 3.36
N ALA A 38 -26.54 7.55 4.01
CA ALA A 38 -27.78 6.83 3.81
C ALA A 38 -28.43 7.35 2.53
N TYR A 39 -28.67 6.44 1.59
CA TYR A 39 -29.35 6.78 0.34
C TYR A 39 -30.87 6.89 0.49
N SER A 40 -31.41 8.07 0.20
CA SER A 40 -32.85 8.23 0.15
C SER A 40 -33.42 7.59 -1.12
N ASP A 41 -34.74 7.62 -1.25
CA ASP A 41 -35.37 7.20 -2.50
C ASP A 41 -34.97 8.11 -3.64
N ALA A 42 -34.86 9.41 -3.36
CA ALA A 42 -34.37 10.39 -4.31
C ALA A 42 -33.02 9.98 -4.85
N ASP A 43 -32.14 9.55 -3.95
CA ASP A 43 -30.82 9.08 -4.30
C ASP A 43 -30.86 7.83 -5.20
N THR A 44 -31.76 6.89 -4.91
CA THR A 44 -31.93 5.70 -5.73
C THR A 44 -32.35 6.08 -7.15
N ARG A 45 -33.35 6.96 -7.26
CA ARG A 45 -33.83 7.41 -8.56
C ARG A 45 -32.72 8.11 -9.33
N SER A 46 -31.92 8.90 -8.63
CA SER A 46 -30.81 9.63 -9.24
C SER A 46 -29.75 8.67 -9.78
N LEU A 47 -29.45 7.62 -9.01
CA LEU A 47 -28.51 6.61 -9.46
C LEU A 47 -29.04 5.93 -10.74
N ASP A 48 -30.31 5.55 -10.73
CA ASP A 48 -30.97 4.92 -11.88
C ASP A 48 -30.87 5.82 -13.12
N ARG A 49 -31.24 7.09 -12.98
CA ARG A 49 -31.13 8.03 -14.11
C ARG A 49 -29.72 8.12 -14.66
N MSE A 50 -28.75 8.13 -13.76
CA MSE A 50 -27.35 8.32 -14.14
C MSE A 50 -26.81 7.09 -14.85
O MSE A 50 -26.12 7.22 -15.84
CB MSE A 50 -26.50 8.68 -12.92
CG MSE A 50 -25.06 8.87 -13.23
SE MSE A 50 -24.08 7.34 -12.65
CE MSE A 50 -24.11 7.92 -10.82
N MSE A 51 -27.17 5.89 -14.37
CA MSE A 51 -26.76 4.65 -15.04
C MSE A 51 -27.38 4.52 -16.45
O MSE A 51 -26.71 4.18 -17.41
CB MSE A 51 -27.13 3.44 -14.19
CG MSE A 51 -26.29 3.32 -12.93
SE MSE A 51 -24.40 2.87 -13.39
CE MSE A 51 -23.63 2.91 -11.59
N ARG A 52 -28.68 4.80 -16.55
CA ARG A 52 -29.35 4.77 -17.87
C ARG A 52 -28.72 5.79 -18.83
N SER A 53 -28.33 6.94 -18.29
CA SER A 53 -27.72 8.01 -19.07
C SER A 53 -26.31 7.62 -19.57
N ILE A 54 -25.55 6.90 -18.75
CA ILE A 54 -24.25 6.39 -19.18
C ILE A 54 -24.49 5.41 -20.31
N ASP A 55 -25.45 4.50 -20.13
CA ASP A 55 -25.74 3.49 -21.13
C ASP A 55 -26.16 4.14 -22.48
N GLU A 56 -26.97 5.18 -22.38
CA GLU A 56 -27.44 5.91 -23.55
CA GLU A 56 -27.44 5.96 -23.53
C GLU A 56 -26.27 6.60 -24.28
N PHE A 57 -25.28 7.07 -23.52
CA PHE A 57 -24.08 7.70 -24.09
C PHE A 57 -23.33 6.71 -24.96
N PHE A 58 -23.06 5.53 -24.43
CA PHE A 58 -22.39 4.47 -25.19
C PHE A 58 -23.21 3.96 -26.38
N SER A 59 -24.51 3.75 -26.16
CA SER A 59 -25.37 3.24 -27.24
C SER A 59 -25.45 4.21 -28.42
N ALA A 60 -25.38 5.50 -28.11
CA ALA A 60 -25.62 6.53 -29.11
C ALA A 60 -24.43 6.72 -30.06
N ASN A 61 -23.27 6.20 -29.67
CA ASN A 61 -22.06 6.38 -30.45
C ASN A 61 -21.57 5.06 -31.03
N PRO A 62 -21.69 4.87 -32.35
CA PRO A 62 -21.29 3.56 -32.88
C PRO A 62 -19.78 3.35 -32.84
N GLY A 63 -19.03 4.40 -32.54
CA GLY A 63 -17.58 4.25 -32.29
C GLY A 63 -17.23 3.29 -31.16
N TYR A 64 -18.16 3.09 -30.22
CA TYR A 64 -18.00 2.09 -29.16
C TYR A 64 -18.49 0.75 -29.68
N ILE A 65 -17.56 -0.18 -29.82
CA ILE A 65 -17.90 -1.53 -30.33
C ILE A 65 -18.74 -2.31 -29.35
N ASN A 66 -18.40 -2.18 -28.06
CA ASN A 66 -19.21 -2.76 -26.99
C ASN A 66 -19.21 -1.89 -25.73
N PHE A 67 -20.21 -2.11 -24.89
CA PHE A 67 -20.25 -1.51 -23.56
C PHE A 67 -21.17 -2.39 -22.72
N HIS A 68 -20.65 -2.87 -21.58
CA HIS A 68 -21.45 -3.71 -20.67
C HIS A 68 -21.16 -3.34 -19.23
N ILE A 69 -22.18 -3.47 -18.39
CA ILE A 69 -22.09 -3.13 -16.96
C ILE A 69 -22.24 -4.43 -16.19
N TYR A 70 -21.54 -4.53 -15.06
CA TYR A 70 -21.55 -5.74 -14.26
C TYR A 70 -21.66 -5.38 -12.78
N ARG A 71 -22.42 -6.19 -12.08
CA ARG A 71 -22.41 -6.22 -10.63
C ARG A 71 -21.14 -6.96 -10.20
N SER A 72 -20.69 -6.67 -8.99
CA SER A 72 -19.39 -7.18 -8.52
C SER A 72 -19.52 -8.10 -7.32
N TYR A 73 -18.81 -9.23 -7.36
CA TYR A 73 -18.72 -10.08 -6.18
C TYR A 73 -17.85 -9.47 -5.07
N ARG A 74 -16.86 -8.66 -5.45
CA ARG A 74 -15.91 -8.06 -4.48
C ARG A 74 -16.56 -6.88 -3.80
N THR A 75 -16.40 -6.77 -2.50
CA THR A 75 -16.90 -5.57 -1.81
C THR A 75 -16.14 -4.28 -2.12
N ASP A 76 -14.94 -4.37 -2.71
CA ASP A 76 -14.24 -3.14 -3.06
C ASP A 76 -14.77 -2.50 -4.34
N SER A 77 -15.76 -3.14 -4.98
CA SER A 77 -16.50 -2.57 -6.10
C SER A 77 -17.99 -2.86 -6.02
N ASP A 78 -18.78 -1.92 -6.49
CA ASP A 78 -20.19 -2.11 -6.66
C ASP A 78 -20.56 -2.31 -8.12
N VAL A 79 -19.73 -1.76 -9.02
CA VAL A 79 -20.03 -1.83 -10.44
C VAL A 79 -18.72 -1.91 -11.22
N ILE A 80 -18.75 -2.64 -12.32
CA ILE A 80 -17.63 -2.78 -13.25
C ILE A 80 -18.16 -2.42 -14.63
N PHE A 81 -17.37 -1.66 -15.39
CA PHE A 81 -17.70 -1.24 -16.75
C PHE A 81 -16.66 -1.80 -17.71
N TRP A 82 -17.12 -2.30 -18.84
CA TRP A 82 -16.26 -2.79 -19.93
C TRP A 82 -16.70 -2.18 -21.25
N TYR A 83 -15.77 -1.57 -21.97
CA TYR A 83 -16.07 -1.01 -23.30
C TYR A 83 -14.84 -1.04 -24.20
N SER A 84 -15.09 -0.91 -25.50
CA SER A 84 -14.07 -1.04 -26.53
C SER A 84 -14.33 -0.10 -27.70
N SER A 85 -13.24 0.36 -28.30
CA SER A 85 -13.26 1.28 -29.45
C SER A 85 -11.92 1.24 -30.16
N ARG A 86 -11.95 1.49 -31.47
CA ARG A 86 -10.72 1.64 -32.22
C ARG A 86 -10.13 3.03 -32.00
N ASN A 87 -10.90 3.95 -31.44
CA ASN A 87 -10.54 5.37 -31.39
C ASN A 87 -10.08 5.75 -29.98
N PRO A 88 -8.78 6.06 -29.82
CA PRO A 88 -8.23 6.40 -28.49
C PRO A 88 -8.81 7.71 -27.91
N ASP A 89 -9.28 8.62 -28.76
CA ASP A 89 -9.95 9.83 -28.24
C ASP A 89 -11.37 9.54 -27.74
N LEU A 90 -12.02 8.52 -28.31
CA LEU A 90 -13.28 8.03 -27.71
C LEU A 90 -13.05 7.28 -26.39
N MSE A 91 -11.89 6.65 -26.26
CA MSE A 91 -11.58 5.90 -25.03
C MSE A 91 -11.43 6.90 -23.87
O MSE A 91 -11.99 6.70 -22.79
CB MSE A 91 -10.29 5.07 -25.22
CG MSE A 91 -10.44 3.87 -26.18
SE MSE A 91 -11.92 2.68 -25.74
CE MSE A 91 -11.17 1.84 -24.18
N ILE A 92 -10.67 7.98 -24.08
CA ILE A 92 -10.50 8.95 -22.97
C ILE A 92 -11.84 9.66 -22.69
N LEU A 93 -12.61 9.95 -23.74
CA LEU A 93 -13.94 10.52 -23.55
C LEU A 93 -14.81 9.63 -22.65
N ALA A 94 -14.80 8.33 -22.90
CA ALA A 94 -15.65 7.38 -22.18
C ALA A 94 -15.23 7.35 -20.71
N LYS A 95 -13.92 7.30 -20.47
CA LYS A 95 -13.43 7.21 -19.10
C LYS A 95 -13.86 8.48 -18.36
N GLU A 96 -13.73 9.62 -19.01
CA GLU A 96 -14.08 10.89 -18.34
C GLU A 96 -15.58 11.01 -18.09
N ARG A 97 -16.38 10.48 -19.03
CA ARG A 97 -17.84 10.49 -18.92
C ARG A 97 -18.28 9.66 -17.70
N VAL A 98 -17.76 8.44 -17.61
CA VAL A 98 -18.06 7.53 -16.52
C VAL A 98 -17.57 8.18 -15.20
N GLN A 99 -16.32 8.62 -15.18
CA GLN A 99 -15.76 9.26 -13.97
C GLN A 99 -16.56 10.48 -13.51
N ALA A 100 -16.99 11.33 -14.46
CA ALA A 100 -17.76 12.53 -14.14
C ALA A 100 -19.10 12.17 -13.50
N SER A 101 -19.70 11.09 -13.97
CA SER A 101 -21.01 10.66 -13.46
C SER A 101 -20.85 10.01 -12.09
N MSE A 102 -19.79 9.24 -11.94
CA MSE A 102 -19.53 8.47 -10.70
C MSE A 102 -18.99 9.33 -9.55
O MSE A 102 -19.30 9.07 -8.40
CB MSE A 102 -18.53 7.33 -10.99
CG MSE A 102 -19.03 6.26 -11.96
SE MSE A 102 -20.71 5.41 -11.40
CE MSE A 102 -20.13 4.54 -9.88
N ARG A 103 -18.13 10.30 -9.87
CA ARG A 103 -17.45 11.18 -8.89
C ARG A 103 -18.29 11.70 -7.69
N PRO A 104 -19.52 12.22 -7.93
CA PRO A 104 -20.26 12.74 -6.76
C PRO A 104 -20.69 11.67 -5.74
N ILE A 105 -20.65 10.40 -6.13
CA ILE A 105 -21.14 9.32 -5.26
C ILE A 105 -20.25 8.10 -5.09
N ALA A 106 -19.12 8.05 -5.78
CA ALA A 106 -18.32 6.83 -5.85
C ALA A 106 -16.87 7.16 -6.11
N VAL A 107 -15.99 6.20 -5.86
N VAL A 107 -15.99 6.20 -5.79
CA VAL A 107 -14.58 6.34 -6.20
CA VAL A 107 -14.55 6.25 -6.11
C VAL A 107 -14.13 5.09 -6.95
C VAL A 107 -14.24 5.10 -7.06
N SER A 108 -13.23 5.27 -7.90
CA SER A 108 -12.80 4.15 -8.75
C SER A 108 -11.82 3.28 -7.99
N SER A 109 -12.03 1.97 -8.03
CA SER A 109 -11.15 1.03 -7.40
C SER A 109 -10.13 0.36 -8.39
N PHE A 110 -10.34 0.53 -9.69
CA PHE A 110 -9.44 -0.05 -10.70
C PHE A 110 -9.75 0.56 -12.05
N SER A 111 -8.72 0.71 -12.86
CA SER A 111 -8.90 0.98 -14.29
C SER A 111 -7.76 0.32 -15.04
N SER A 112 -8.04 -0.08 -16.27
CA SER A 112 -6.98 -0.51 -17.18
C SER A 112 -7.33 0.02 -18.53
N ILE A 113 -6.33 0.23 -19.37
CA ILE A 113 -6.53 0.43 -20.81
C ILE A 113 -5.49 -0.46 -21.54
N SER A 114 -5.97 -1.17 -22.56
CA SER A 114 -5.16 -2.17 -23.26
C SER A 114 -5.69 -2.31 -24.67
N ILE A 115 -5.02 -3.17 -25.45
CA ILE A 115 -5.30 -3.34 -26.87
C ILE A 115 -5.52 -4.82 -27.18
N TYR A 116 -6.61 -5.19 -27.84
CA TYR A 116 -6.83 -6.62 -28.13
C TYR A 116 -5.74 -7.19 -29.04
N ASP A 117 -5.31 -8.41 -28.69
CA ASP A 117 -4.47 -9.25 -29.55
C ASP A 117 -5.44 -10.04 -30.42
N GLU A 118 -5.49 -9.71 -31.70
CA GLU A 118 -6.46 -10.30 -32.61
C GLU A 118 -5.97 -11.59 -33.27
N SER A 119 -4.73 -11.97 -32.96
CA SER A 119 -4.08 -13.12 -33.61
C SER A 119 -4.79 -14.48 -33.40
N PRO A 120 -5.29 -14.77 -32.17
CA PRO A 120 -6.01 -16.04 -31.96
C PRO A 120 -7.29 -16.10 -32.78
N TYR A 121 -7.94 -14.96 -32.95
CA TYR A 121 -9.15 -14.87 -33.76
C TYR A 121 -8.79 -14.94 -35.24
N ASN A 122 -7.66 -14.34 -35.60
CA ASN A 122 -7.17 -14.36 -36.97
C ASN A 122 -6.63 -15.74 -37.38
N ALA A 123 -6.15 -16.51 -36.40
CA ALA A 123 -5.66 -17.87 -36.65
C ALA A 123 -6.81 -18.81 -37.01
N MSE A 124 -7.97 -18.59 -36.40
CA MSE A 124 -9.16 -19.40 -36.66
C MSE A 124 -10.03 -18.82 -37.78
O MSE A 124 -11.15 -19.28 -38.02
CB MSE A 124 -9.97 -19.57 -35.36
N ASN A 125 -9.48 -17.83 -38.49
CA ASN A 125 -10.19 -17.08 -39.54
C ASN A 125 -11.54 -16.53 -39.04
N LYS A 126 -11.50 -15.85 -37.90
CA LYS A 126 -12.66 -15.12 -37.36
C LYS A 126 -12.25 -13.67 -37.05
N LYS A 127 -13.24 -12.81 -36.82
CA LYS A 127 -12.96 -11.42 -36.49
C LYS A 127 -13.28 -11.13 -35.03
N LEU A 128 -12.27 -10.66 -34.30
CA LEU A 128 -12.45 -10.32 -32.89
C LEU A 128 -13.64 -9.38 -32.66
N GLU A 129 -13.75 -8.36 -33.50
CA GLU A 129 -14.86 -7.39 -33.44
C GLU A 129 -16.26 -8.04 -33.50
N ASP A 130 -16.43 -9.03 -34.38
CA ASP A 130 -17.68 -9.79 -34.46
C ASP A 130 -18.01 -10.44 -33.13
N SER A 131 -16.99 -11.04 -32.51
CA SER A 131 -17.18 -11.64 -31.22
C SER A 131 -17.56 -10.59 -30.14
N LEU A 132 -16.99 -9.39 -30.18
CA LEU A 132 -17.38 -8.32 -29.21
C LEU A 132 -18.80 -7.84 -29.42
N ARG A 133 -19.37 -8.10 -30.60
CA ARG A 133 -20.74 -7.70 -30.89
C ARG A 133 -21.77 -8.78 -30.52
N LEU A 134 -21.31 -9.96 -30.13
CA LEU A 134 -22.25 -11.00 -29.70
C LEU A 134 -22.87 -10.60 -28.36
N PRO A 135 -24.12 -11.00 -28.12
CA PRO A 135 -24.72 -10.81 -26.80
C PRO A 135 -23.82 -11.33 -25.68
N PRO A 136 -23.59 -10.51 -24.64
CA PRO A 136 -22.63 -10.89 -23.60
C PRO A 136 -23.09 -12.09 -22.77
N LEU A 137 -22.14 -12.87 -22.27
CA LEU A 137 -22.47 -13.97 -21.39
C LEU A 137 -22.73 -13.46 -19.97
N ARG A 138 -23.19 -14.35 -19.09
CA ARG A 138 -23.66 -13.97 -17.77
C ARG A 138 -22.55 -13.38 -16.88
N TYR A 139 -21.35 -13.95 -16.98
CA TYR A 139 -20.22 -13.52 -16.15
C TYR A 139 -19.05 -12.98 -16.96
N PHE A 140 -18.25 -12.17 -16.28
CA PHE A 140 -17.11 -11.51 -16.85
C PHE A 140 -16.00 -11.64 -15.84
N VAL A 141 -14.83 -12.03 -16.33
CA VAL A 141 -13.62 -12.00 -15.52
C VAL A 141 -12.55 -11.15 -16.19
N ALA A 142 -11.92 -10.26 -15.44
CA ALA A 142 -10.81 -9.47 -15.95
C ALA A 142 -9.71 -9.50 -14.89
N TYR A 143 -8.47 -9.56 -15.31
CA TYR A 143 -7.36 -9.26 -14.38
C TYR A 143 -6.11 -8.88 -15.12
N PRO A 144 -5.23 -8.09 -14.45
CA PRO A 144 -3.95 -7.78 -15.04
C PRO A 144 -3.05 -9.00 -14.92
N MSE A 145 -2.05 -9.07 -15.79
N MSE A 145 -2.06 -9.10 -15.82
CA MSE A 145 -1.06 -10.11 -15.69
CA MSE A 145 -1.14 -10.24 -15.89
C MSE A 145 0.20 -9.64 -16.35
C MSE A 145 0.20 -9.71 -16.43
O MSE A 145 0.15 -8.84 -17.30
O MSE A 145 0.18 -8.91 -17.37
CB MSE A 145 -1.55 -11.41 -16.33
CB MSE A 145 -1.70 -11.29 -16.85
CG MSE A 145 -0.56 -12.56 -16.30
CG MSE A 145 -1.63 -12.76 -16.41
SE MSE A 145 0.51 -12.64 -17.93
SE MSE A 145 -1.92 -14.02 -17.88
CE MSE A 145 -0.83 -13.43 -19.09
CE MSE A 145 -2.96 -15.44 -17.04
N SER A 146 1.33 -10.12 -15.85
CA SER A 146 2.64 -9.85 -16.46
C SER A 146 3.51 -11.13 -16.51
N LYS A 147 4.63 -11.06 -17.20
CA LYS A 147 5.54 -12.20 -17.26
C LYS A 147 6.92 -11.76 -16.78
N THR A 148 7.72 -12.72 -16.30
CA THR A 148 9.06 -12.39 -15.83
C THR A 148 9.92 -11.93 -17.02
N PRO A 149 10.90 -11.04 -16.77
CA PRO A 149 11.79 -10.59 -17.87
C PRO A 149 12.37 -11.76 -18.68
N ASP A 150 12.79 -12.78 -17.96
CA ASP A 150 13.36 -13.99 -18.53
C ASP A 150 12.50 -14.60 -19.67
N TRP A 151 11.18 -14.51 -19.57
CA TRP A 151 10.27 -15.00 -20.61
C TRP A 151 10.53 -14.45 -22.03
N TYR A 152 10.63 -13.13 -22.15
CA TYR A 152 10.67 -12.47 -23.46
C TYR A 152 12.04 -12.68 -24.11
N LEU A 153 13.03 -12.97 -23.28
CA LEU A 153 14.38 -13.20 -23.75
C LEU A 153 14.60 -14.66 -24.16
N LEU A 154 13.55 -15.48 -24.02
CA LEU A 154 13.60 -16.84 -24.56
C LEU A 154 13.52 -16.77 -26.08
N ASP A 155 14.14 -17.73 -26.75
CA ASP A 155 14.03 -17.84 -28.21
C ASP A 155 12.57 -17.83 -28.63
N PHE A 156 12.30 -17.12 -29.73
CA PHE A 156 10.95 -17.04 -30.30
C PHE A 156 10.34 -18.42 -30.44
N ASP A 157 11.17 -19.37 -30.88
CA ASP A 157 10.84 -20.79 -31.03
C ASP A 157 10.31 -21.39 -29.72
N THR A 158 11.12 -21.31 -28.66
CA THR A 158 10.79 -21.86 -27.35
C THR A 158 9.45 -21.30 -26.82
N ARG A 159 9.28 -19.98 -26.93
CA ARG A 159 8.05 -19.31 -26.52
C ARG A 159 6.83 -19.84 -27.27
N LYS A 160 6.96 -20.02 -28.59
CA LYS A 160 5.84 -20.49 -29.41
C LYS A 160 5.43 -21.91 -29.03
N GLU A 161 6.41 -22.74 -28.66
CA GLU A 161 6.18 -24.12 -28.23
C GLU A 161 5.40 -24.16 -26.91
N ILE A 162 5.89 -23.43 -25.92
CA ILE A 162 5.27 -23.33 -24.59
C ILE A 162 3.84 -22.79 -24.71
N MSE A 163 3.67 -21.78 -25.55
CA MSE A 163 2.36 -21.17 -25.75
C MSE A 163 1.39 -22.10 -26.44
O MSE A 163 0.20 -22.06 -26.17
CB MSE A 163 2.47 -19.83 -26.47
CG MSE A 163 3.02 -18.69 -25.62
SE MSE A 163 2.03 -18.47 -23.92
CE MSE A 163 3.31 -19.21 -22.70
N HIS A 164 1.91 -22.96 -27.32
CA HIS A 164 1.09 -23.97 -28.01
C HIS A 164 0.55 -25.04 -27.05
N GLU A 165 1.35 -25.45 -26.06
CA GLU A 165 0.87 -26.35 -25.00
C GLU A 165 -0.28 -25.70 -24.22
N HIS A 166 -0.09 -24.45 -23.81
CA HIS A 166 -1.09 -23.69 -23.06
C HIS A 166 -2.37 -23.43 -23.87
N ILE A 167 -2.20 -22.87 -25.07
CA ILE A 167 -3.31 -22.60 -26.00
C ILE A 167 -4.12 -23.88 -26.29
N LYS A 168 -3.42 -25.00 -26.45
CA LYS A 168 -4.07 -26.27 -26.69
C LYS A 168 -4.72 -26.78 -25.41
N MSE A 169 -4.08 -26.52 -24.27
CA MSE A 169 -4.60 -26.93 -22.96
C MSE A 169 -5.79 -26.08 -22.56
O MSE A 169 -6.93 -26.56 -22.53
CB MSE A 169 -3.51 -26.85 -21.88
CG MSE A 169 -3.84 -27.63 -20.60
SE MSE A 169 -2.55 -27.42 -19.15
CE MSE A 169 -1.02 -28.25 -20.01
N GLY A 178 -18.51 -22.20 -25.28
CA GLY A 178 -19.01 -21.51 -24.11
C GLY A 178 -18.17 -20.28 -23.78
N ILE A 179 -17.04 -20.51 -23.12
CA ILE A 179 -16.15 -19.42 -22.68
C ILE A 179 -15.59 -18.61 -23.86
N ARG A 180 -15.65 -17.29 -23.75
N ARG A 180 -15.66 -17.30 -23.77
CA ARG A 180 -15.02 -16.41 -24.73
CA ARG A 180 -14.96 -16.44 -24.72
C ARG A 180 -13.83 -15.66 -24.16
C ARG A 180 -13.70 -15.90 -24.06
N SER A 181 -12.66 -15.90 -24.74
N SER A 181 -12.61 -15.84 -24.80
CA SER A 181 -11.40 -15.40 -24.22
CA SER A 181 -11.32 -15.45 -24.21
C SER A 181 -10.85 -14.24 -25.04
C SER A 181 -10.66 -14.33 -25.02
N TYR A 182 -10.30 -13.24 -24.35
CA TYR A 182 -9.61 -12.13 -25.03
C TYR A 182 -8.31 -11.77 -24.32
N THR A 183 -7.19 -11.96 -25.02
CA THR A 183 -5.91 -11.44 -24.54
C THR A 183 -5.76 -10.00 -25.02
N THR A 184 -5.43 -9.10 -24.09
CA THR A 184 -5.17 -7.73 -24.44
C THR A 184 -3.81 -7.33 -23.90
N TYR A 185 -3.10 -6.49 -24.64
CA TYR A 185 -1.78 -6.00 -24.21
C TYR A 185 -1.75 -4.54 -23.81
N SER A 186 -0.88 -4.24 -22.85
CA SER A 186 -0.73 -2.89 -22.35
C SER A 186 0.72 -2.55 -22.05
N PHE A 187 1.65 -3.18 -22.77
CA PHE A 187 3.06 -2.82 -22.62
C PHE A 187 3.24 -1.31 -22.74
N GLY A 188 3.92 -0.72 -21.75
CA GLY A 188 4.30 0.69 -21.83
C GLY A 188 3.18 1.70 -21.63
N ILE A 189 1.95 1.24 -21.37
CA ILE A 189 0.80 2.14 -21.19
C ILE A 189 -0.03 1.88 -19.94
N GLY A 190 0.41 0.93 -19.11
CA GLY A 190 -0.31 0.60 -17.86
C GLY A 190 0.59 -0.18 -16.93
N ASP A 191 0.09 -0.50 -15.74
CA ASP A 191 0.92 -1.13 -14.70
C ASP A 191 1.08 -2.63 -14.86
N GLN A 192 0.57 -3.18 -15.96
CA GLN A 192 0.66 -4.60 -16.26
C GLN A 192 0.99 -4.76 -17.74
N GLU A 193 1.45 -5.95 -18.12
CA GLU A 193 1.78 -6.20 -19.54
C GLU A 193 0.54 -6.65 -20.34
N PHE A 194 -0.34 -7.39 -19.66
CA PHE A 194 -1.57 -7.93 -20.25
C PHE A 194 -2.80 -7.67 -19.36
N VAL A 195 -3.98 -7.56 -20.00
CA VAL A 195 -5.23 -7.65 -19.24
C VAL A 195 -6.01 -8.74 -19.93
N VAL A 196 -6.33 -9.82 -19.21
CA VAL A 196 -6.96 -10.95 -19.89
C VAL A 196 -8.42 -10.94 -19.48
N LEU A 197 -9.31 -11.06 -20.46
CA LEU A 197 -10.74 -10.91 -20.30
C LEU A 197 -11.47 -12.17 -20.76
N TYR A 198 -12.46 -12.56 -19.97
CA TYR A 198 -13.24 -13.76 -20.27
C TYR A 198 -14.69 -13.47 -20.05
N GLU A 199 -15.52 -13.90 -21.00
CA GLU A 199 -16.94 -14.02 -20.73
C GLU A 199 -17.15 -15.52 -20.49
N ILE A 200 -17.85 -15.84 -19.41
CA ILE A 200 -18.00 -17.22 -18.95
C ILE A 200 -19.46 -17.48 -18.56
N PRO A 201 -19.96 -18.69 -18.87
CA PRO A 201 -21.32 -18.99 -18.45
C PRO A 201 -21.45 -19.55 -17.04
N ASP A 202 -20.35 -20.01 -16.42
CA ASP A 202 -20.41 -20.73 -15.12
C ASP A 202 -19.14 -20.56 -14.28
N ILE A 203 -19.30 -19.98 -13.09
CA ILE A 203 -18.16 -19.64 -12.24
C ILE A 203 -17.33 -20.86 -11.81
N ALA A 204 -18.01 -21.89 -11.30
CA ALA A 204 -17.31 -23.06 -10.72
C ALA A 204 -16.51 -23.78 -11.79
N ALA A 205 -17.14 -24.03 -12.94
CA ALA A 205 -16.52 -24.64 -14.13
C ALA A 205 -15.28 -23.86 -14.58
N TRP A 206 -15.41 -22.53 -14.62
CA TRP A 206 -14.29 -21.68 -14.93
C TRP A 206 -13.14 -21.78 -13.89
N SER A 207 -13.47 -21.84 -12.60
CA SER A 207 -12.43 -21.96 -11.57
C SER A 207 -11.67 -23.27 -11.79
N ARG A 208 -12.41 -24.33 -12.15
CA ARG A 208 -11.81 -25.65 -12.44
C ARG A 208 -10.91 -25.65 -13.68
N VAL A 209 -11.34 -24.98 -14.75
CA VAL A 209 -10.48 -24.74 -15.93
C VAL A 209 -9.17 -24.03 -15.55
N THR A 210 -9.29 -22.99 -14.72
CA THR A 210 -8.11 -22.22 -14.32
C THR A 210 -7.17 -23.07 -13.47
N GLU A 211 -7.72 -23.85 -12.53
CA GLU A 211 -6.91 -24.77 -11.75
C GLU A 211 -6.13 -25.75 -12.64
N LYS A 212 -6.79 -26.29 -13.65
CA LYS A 212 -6.14 -27.24 -14.57
C LYS A 212 -4.97 -26.57 -15.30
N LEU A 213 -5.21 -25.33 -15.74
CA LEU A 213 -4.21 -24.59 -16.50
C LEU A 213 -3.00 -24.18 -15.67
N ARG A 214 -3.09 -24.31 -14.34
CA ARG A 214 -1.91 -24.08 -13.47
C ARG A 214 -0.76 -25.05 -13.83
N GLU A 215 -1.11 -26.14 -14.50
CA GLU A 215 -0.17 -27.19 -14.89
CA GLU A 215 -0.12 -27.15 -14.85
C GLU A 215 0.55 -26.91 -16.21
N ALA A 216 0.11 -25.88 -16.93
CA ALA A 216 0.75 -25.50 -18.20
C ALA A 216 2.15 -24.94 -17.92
N ARG A 217 3.12 -25.34 -18.74
CA ARG A 217 4.51 -24.85 -18.61
C ARG A 217 4.59 -23.32 -18.55
N ALA A 218 3.75 -22.66 -19.34
CA ALA A 218 3.65 -21.18 -19.33
C ALA A 218 3.64 -20.53 -17.94
N ARG A 219 2.99 -21.17 -16.96
CA ARG A 219 2.77 -20.58 -15.62
C ARG A 219 4.08 -20.24 -14.91
N LYS A 220 5.14 -20.97 -15.25
CA LYS A 220 6.49 -20.70 -14.71
C LYS A 220 6.81 -19.22 -14.71
N TRP A 221 6.47 -18.54 -15.82
CA TRP A 221 6.85 -17.14 -16.07
C TRP A 221 5.75 -16.11 -15.81
N ILE A 222 4.60 -16.57 -15.30
CA ILE A 222 3.45 -15.67 -15.06
C ILE A 222 3.43 -15.09 -13.64
N ILE A 223 3.21 -13.78 -13.56
CA ILE A 223 3.19 -12.99 -12.31
CA ILE A 223 3.13 -13.07 -12.28
C ILE A 223 1.98 -12.07 -12.23
N LYS A 224 1.76 -11.47 -11.04
CA LYS A 224 0.91 -10.25 -10.84
C LYS A 224 -0.56 -10.23 -11.30
N GLU A 225 -1.24 -11.37 -11.23
CA GLU A 225 -2.65 -11.41 -11.60
C GLU A 225 -3.58 -10.86 -10.49
N THR A 226 -3.47 -9.57 -10.16
CA THR A 226 -4.34 -8.94 -9.13
C THR A 226 -4.65 -7.46 -9.44
N PRO A 227 -5.92 -7.00 -9.27
CA PRO A 227 -7.08 -7.75 -8.76
C PRO A 227 -7.68 -8.61 -9.87
N ILE A 228 -8.27 -9.74 -9.48
CA ILE A 228 -9.13 -10.46 -10.40
C ILE A 228 -10.53 -9.97 -10.13
N LEU A 229 -11.13 -9.35 -11.16
CA LEU A 229 -12.50 -8.84 -11.06
C LEU A 229 -13.43 -9.91 -11.60
N LEU A 230 -14.49 -10.21 -10.86
CA LEU A 230 -15.52 -11.11 -11.35
C LEU A 230 -16.84 -10.37 -11.28
N GLY A 231 -17.54 -10.35 -12.42
CA GLY A 231 -18.74 -9.52 -12.60
C GLY A 231 -19.91 -10.37 -13.05
N ARG A 232 -21.13 -9.92 -12.71
CA ARG A 232 -22.36 -10.55 -13.17
C ARG A 232 -23.06 -9.51 -14.05
N LEU A 233 -23.34 -9.86 -15.30
CA LEU A 233 -23.98 -8.95 -16.27
C LEU A 233 -25.27 -8.33 -15.70
N VAL A 234 -25.40 -7.02 -15.88
CA VAL A 234 -26.57 -6.27 -15.45
C VAL A 234 -27.00 -5.19 -16.48
N ASP A 235 -28.31 -5.05 -16.68
CA ASP A 235 -28.84 -3.92 -17.46
C ASP A 235 -28.77 -2.63 -16.66
N ALA A 236 -28.44 -1.52 -17.33
CA ALA A 236 -28.32 -0.18 -16.71
C ALA A 236 -29.54 0.14 -15.86
N GLY A 237 -30.71 -0.26 -16.37
CA GLY A 237 -32.00 0.02 -15.73
C GLY A 237 -32.28 -0.75 -14.46
N ASP A 238 -31.46 -1.77 -14.20
CA ASP A 238 -31.68 -2.67 -13.06
C ASP A 238 -30.66 -2.46 -11.95
N ILE A 239 -29.53 -1.83 -12.29
CA ILE A 239 -28.42 -1.72 -11.34
C ILE A 239 -28.79 -0.98 -10.05
N ALA A 240 -29.55 0.10 -10.13
CA ALA A 240 -29.89 0.86 -8.91
C ALA A 240 -30.67 -0.01 -7.92
N GLY A 241 -31.61 -0.80 -8.43
CA GLY A 241 -32.35 -1.70 -7.55
C GLY A 241 -31.46 -2.75 -6.90
N PHE A 242 -30.42 -3.19 -7.58
CA PHE A 242 -29.55 -4.21 -7.01
C PHE A 242 -28.64 -3.63 -5.93
N LEU A 243 -28.13 -2.42 -6.18
CA LEU A 243 -27.10 -1.82 -5.31
C LEU A 243 -27.68 -1.18 -4.05
N LEU A 244 -28.89 -0.62 -4.18
CA LEU A 244 -29.47 0.17 -3.08
C LEU A 244 -30.72 -0.45 -2.49
N MSE B 21 -26.36 -31.74 -5.03
CA MSE B 21 -25.01 -32.33 -5.29
C MSE B 21 -24.08 -31.42 -6.14
O MSE B 21 -22.90 -31.75 -6.33
CB MSE B 21 -25.14 -33.75 -5.92
N THR B 22 -24.57 -30.28 -6.61
CA THR B 22 -23.70 -29.32 -7.29
C THR B 22 -22.80 -28.56 -6.28
N GLU B 23 -21.94 -27.68 -6.79
CA GLU B 23 -20.90 -27.07 -5.97
C GLU B 23 -21.46 -26.12 -4.94
N ILE B 24 -20.77 -26.00 -3.81
CA ILE B 24 -21.23 -25.10 -2.76
C ILE B 24 -20.26 -23.92 -2.74
N TYR B 25 -20.82 -22.71 -2.90
CA TYR B 25 -20.03 -21.48 -2.80
C TYR B 25 -20.02 -20.97 -1.38
N THR B 26 -19.00 -20.16 -1.07
CA THR B 26 -18.97 -19.48 0.23
C THR B 26 -18.31 -18.10 0.10
N SER B 27 -18.70 -17.22 1.02
CA SER B 27 -18.11 -15.88 1.10
CA SER B 27 -18.11 -15.88 1.09
C SER B 27 -17.82 -15.53 2.53
N VAL B 28 -16.69 -14.85 2.75
CA VAL B 28 -16.38 -14.21 4.03
C VAL B 28 -16.24 -12.70 3.73
N LEU B 29 -17.00 -11.90 4.47
CA LEU B 29 -16.96 -10.43 4.33
C LEU B 29 -16.63 -9.87 5.70
N SER B 30 -15.80 -8.81 5.76
CA SER B 30 -15.58 -8.15 7.05
C SER B 30 -15.78 -6.67 6.86
N TYR B 31 -16.25 -6.02 7.92
CA TYR B 31 -16.56 -4.60 7.87
C TYR B 31 -16.05 -3.88 9.10
N ARG B 32 -15.76 -2.59 8.93
CA ARG B 32 -15.31 -1.76 10.03
C ARG B 32 -16.24 -0.54 10.12
N LEU B 33 -16.80 -0.30 11.30
CA LEU B 33 -17.63 0.88 11.52
C LEU B 33 -16.79 2.14 11.30
N LEU B 34 -17.36 3.12 10.61
CA LEU B 34 -16.66 4.36 10.28
C LEU B 34 -16.33 5.15 11.55
N GLU B 35 -15.12 5.70 11.56
CA GLU B 35 -14.64 6.52 12.68
C GLU B 35 -15.08 7.97 12.54
N GLY B 36 -14.98 8.74 13.63
CA GLY B 36 -15.23 10.18 13.58
C GLY B 36 -16.65 10.57 13.91
N LYS B 37 -17.46 9.62 14.33
CA LYS B 37 -18.82 9.93 14.76
C LYS B 37 -19.13 9.28 16.10
N ALA B 38 -19.76 10.02 16.99
CA ALA B 38 -20.20 9.40 18.24
C ALA B 38 -21.54 8.75 17.96
N TYR B 39 -21.77 7.58 18.52
CA TYR B 39 -23.02 6.85 18.31
C TYR B 39 -23.98 7.11 19.46
N SER B 40 -25.14 7.64 19.13
CA SER B 40 -26.19 7.85 20.11
C SER B 40 -26.85 6.50 20.44
N ASP B 41 -27.72 6.51 21.45
CA ASP B 41 -28.50 5.31 21.75
C ASP B 41 -29.40 4.94 20.56
N ALA B 42 -29.94 5.94 19.86
CA ALA B 42 -30.71 5.72 18.63
C ALA B 42 -29.87 5.04 17.53
N ASP B 43 -28.61 5.48 17.39
CA ASP B 43 -27.67 4.82 16.49
C ASP B 43 -27.48 3.35 16.87
N THR B 44 -27.40 3.07 18.18
CA THR B 44 -27.22 1.69 18.68
C THR B 44 -28.43 0.83 18.32
N ARG B 45 -29.62 1.35 18.61
CA ARG B 45 -30.85 0.68 18.24
C ARG B 45 -30.96 0.41 16.74
N SER B 46 -30.56 1.39 15.93
CA SER B 46 -30.55 1.25 14.48
C SER B 46 -29.63 0.11 14.03
N LEU B 47 -28.43 0.04 14.63
CA LEU B 47 -27.50 -1.04 14.29
C LEU B 47 -28.07 -2.42 14.68
N ASP B 48 -28.69 -2.50 15.85
CA ASP B 48 -29.35 -3.72 16.30
C ASP B 48 -30.46 -4.14 15.30
N ARG B 49 -31.35 -3.23 14.95
CA ARG B 49 -32.37 -3.51 13.95
C ARG B 49 -31.76 -3.99 12.61
N MSE B 50 -30.72 -3.31 12.15
CA MSE B 50 -30.07 -3.66 10.89
C MSE B 50 -29.46 -5.07 10.95
O MSE B 50 -29.61 -5.87 10.00
CB MSE B 50 -29.02 -2.59 10.55
CG MSE B 50 -28.45 -2.68 9.17
SE MSE B 50 -26.60 -3.09 9.38
CE MSE B 50 -26.62 -4.92 9.72
N MSE B 51 -28.77 -5.40 12.03
CA MSE B 51 -28.16 -6.73 12.15
C MSE B 51 -29.21 -7.84 12.22
O MSE B 51 -29.07 -8.90 11.59
CB MSE B 51 -27.27 -6.80 13.37
CG MSE B 51 -26.01 -5.97 13.23
SE MSE B 51 -24.75 -6.77 11.97
CE MSE B 51 -23.32 -5.49 12.14
N ARG B 52 -30.27 -7.59 12.98
CA ARG B 52 -31.38 -8.53 13.07
C ARG B 52 -32.03 -8.75 11.70
N SER B 53 -32.19 -7.66 10.95
CA SER B 53 -32.75 -7.68 9.61
C SER B 53 -31.87 -8.49 8.63
N ILE B 54 -30.55 -8.34 8.74
CA ILE B 54 -29.62 -9.15 7.92
C ILE B 54 -29.74 -10.64 8.25
N ASP B 55 -29.75 -10.95 9.54
CA ASP B 55 -29.93 -12.33 9.99
C ASP B 55 -31.27 -12.94 9.48
N GLU B 56 -32.34 -12.15 9.51
CA GLU B 56 -33.64 -12.60 8.99
C GLU B 56 -33.59 -12.87 7.49
N PHE B 57 -32.91 -11.99 6.76
CA PHE B 57 -32.69 -12.14 5.32
C PHE B 57 -32.04 -13.49 5.01
N PHE B 58 -30.99 -13.87 5.75
CA PHE B 58 -30.35 -15.20 5.52
C PHE B 58 -31.25 -16.40 5.94
N SER B 59 -31.95 -16.24 7.05
CA SER B 59 -32.81 -17.30 7.58
C SER B 59 -34.00 -17.58 6.67
N ALA B 60 -34.51 -16.53 6.01
CA ALA B 60 -35.78 -16.65 5.29
C ALA B 60 -35.62 -17.44 4.00
N ASN B 61 -34.42 -17.42 3.44
CA ASN B 61 -34.12 -18.16 2.20
C ASN B 61 -33.40 -19.50 2.44
N PRO B 62 -34.11 -20.63 2.23
CA PRO B 62 -33.47 -21.93 2.49
C PRO B 62 -32.27 -22.21 1.58
N GLY B 63 -32.14 -21.44 0.49
CA GLY B 63 -30.96 -21.51 -0.37
C GLY B 63 -29.64 -21.14 0.32
N TYR B 64 -29.72 -20.37 1.40
CA TYR B 64 -28.53 -20.15 2.22
C TYR B 64 -28.35 -21.30 3.20
N ILE B 65 -27.27 -22.06 2.99
CA ILE B 65 -26.95 -23.25 3.80
C ILE B 65 -26.53 -22.87 5.21
N ASN B 66 -25.71 -21.83 5.32
CA ASN B 66 -25.36 -21.28 6.63
C ASN B 66 -25.17 -19.78 6.56
N PHE B 67 -25.23 -19.14 7.71
CA PHE B 67 -24.88 -17.71 7.83
C PHE B 67 -24.55 -17.51 9.30
N HIS B 68 -23.35 -17.04 9.56
CA HIS B 68 -22.89 -16.74 10.91
C HIS B 68 -22.20 -15.37 10.96
N ILE B 69 -22.32 -14.72 12.12
CA ILE B 69 -21.74 -13.42 12.35
C ILE B 69 -20.68 -13.60 13.45
N TYR B 70 -19.55 -12.90 13.32
CA TYR B 70 -18.45 -12.99 14.26
C TYR B 70 -17.98 -11.60 14.70
N ARG B 71 -17.71 -11.46 15.99
CA ARG B 71 -16.93 -10.31 16.46
C ARG B 71 -15.47 -10.50 16.05
N SER B 72 -14.76 -9.40 15.84
CA SER B 72 -13.41 -9.47 15.29
C SER B 72 -12.33 -9.11 16.29
N TYR B 73 -11.31 -9.96 16.41
CA TYR B 73 -10.13 -9.66 17.21
C TYR B 73 -9.27 -8.52 16.63
N ARG B 74 -9.25 -8.39 15.31
CA ARG B 74 -8.48 -7.32 14.66
C ARG B 74 -9.20 -5.96 14.72
N THR B 75 -8.46 -4.90 14.94
CA THR B 75 -9.09 -3.55 14.93
C THR B 75 -9.50 -3.09 13.55
N ASP B 76 -9.01 -3.73 12.49
CA ASP B 76 -9.40 -3.27 11.16
C ASP B 76 -10.76 -3.81 10.68
N SER B 77 -11.40 -4.60 11.56
CA SER B 77 -12.77 -5.02 11.42
C SER B 77 -13.53 -4.97 12.75
N ASP B 78 -14.83 -4.70 12.66
CA ASP B 78 -15.71 -4.86 13.80
C ASP B 78 -16.59 -6.10 13.70
N VAL B 79 -16.86 -6.56 12.48
CA VAL B 79 -17.75 -7.70 12.31
C VAL B 79 -17.27 -8.48 11.08
N ILE B 80 -17.50 -9.79 11.14
CA ILE B 80 -17.16 -10.70 10.07
C ILE B 80 -18.43 -11.50 9.81
N PHE B 81 -18.74 -11.69 8.52
CA PHE B 81 -19.89 -12.51 8.08
C PHE B 81 -19.39 -13.69 7.27
N TRP B 82 -20.02 -14.84 7.45
CA TRP B 82 -19.70 -16.01 6.65
C TRP B 82 -21.01 -16.65 6.18
N TYR B 83 -21.14 -16.93 4.90
CA TYR B 83 -22.37 -17.62 4.44
C TYR B 83 -22.08 -18.48 3.23
N SER B 84 -22.98 -19.44 2.94
CA SER B 84 -22.74 -20.41 1.89
C SER B 84 -24.05 -20.74 1.15
N SER B 85 -23.93 -21.05 -0.15
CA SER B 85 -25.10 -21.47 -0.97
C SER B 85 -24.59 -22.22 -2.20
N ARG B 86 -25.41 -23.13 -2.74
CA ARG B 86 -25.11 -23.70 -4.05
C ARG B 86 -25.45 -22.72 -5.17
N ASN B 87 -26.20 -21.65 -4.86
CA ASN B 87 -26.71 -20.80 -5.92
C ASN B 87 -25.85 -19.54 -6.05
N PRO B 88 -25.09 -19.40 -7.16
CA PRO B 88 -24.21 -18.20 -7.23
C PRO B 88 -24.98 -16.88 -7.36
N ASP B 89 -26.21 -16.92 -7.87
CA ASP B 89 -27.14 -15.77 -7.84
C ASP B 89 -27.43 -15.34 -6.38
N LEU B 90 -27.70 -16.30 -5.50
CA LEU B 90 -27.91 -15.96 -4.09
C LEU B 90 -26.65 -15.35 -3.46
N MSE B 91 -25.48 -15.79 -3.93
CA MSE B 91 -24.23 -15.25 -3.42
C MSE B 91 -24.04 -13.78 -3.71
O MSE B 91 -23.66 -13.02 -2.82
CB MSE B 91 -23.01 -16.06 -3.91
CG MSE B 91 -23.07 -17.52 -3.42
SE MSE B 91 -23.13 -17.74 -1.47
CE MSE B 91 -21.34 -17.25 -0.97
N ILE B 92 -24.27 -13.37 -4.95
CA ILE B 92 -24.11 -11.97 -5.26
CA ILE B 92 -24.16 -11.96 -5.32
C ILE B 92 -25.23 -11.14 -4.62
N LEU B 93 -26.43 -11.71 -4.55
CA LEU B 93 -27.53 -10.98 -3.86
C LEU B 93 -27.20 -10.79 -2.38
N ALA B 94 -26.55 -11.78 -1.77
CA ALA B 94 -26.17 -11.67 -0.37
C ALA B 94 -25.15 -10.57 -0.17
N LYS B 95 -24.09 -10.56 -0.99
CA LYS B 95 -23.06 -9.54 -0.88
C LYS B 95 -23.68 -8.14 -1.05
N GLU B 96 -24.60 -7.99 -2.00
CA GLU B 96 -25.20 -6.68 -2.29
C GLU B 96 -26.07 -6.21 -1.11
N ARG B 97 -26.78 -7.16 -0.52
CA ARG B 97 -27.64 -6.83 0.62
CA ARG B 97 -27.64 -6.87 0.64
C ARG B 97 -26.80 -6.38 1.81
N VAL B 98 -25.74 -7.14 2.12
CA VAL B 98 -24.87 -6.86 3.25
C VAL B 98 -24.18 -5.49 3.01
N GLN B 99 -23.65 -5.29 1.80
CA GLN B 99 -23.01 -4.00 1.49
C GLN B 99 -23.99 -2.83 1.57
N ALA B 100 -25.24 -3.01 1.08
CA ALA B 100 -26.22 -1.93 1.13
C ALA B 100 -26.56 -1.54 2.58
N SER B 101 -26.68 -2.54 3.43
CA SER B 101 -27.01 -2.33 4.85
C SER B 101 -25.84 -1.69 5.62
N MSE B 102 -24.63 -2.11 5.27
CA MSE B 102 -23.41 -1.65 5.95
C MSE B 102 -22.89 -0.29 5.46
O MSE B 102 -22.38 0.51 6.27
CB MSE B 102 -22.27 -2.67 5.83
CG MSE B 102 -22.52 -4.02 6.45
SE MSE B 102 -22.94 -3.99 8.36
CE MSE B 102 -21.34 -3.25 8.91
N ARG B 103 -22.99 -0.02 4.15
CA ARG B 103 -22.30 1.17 3.63
C ARG B 103 -22.63 2.55 4.28
N PRO B 104 -23.88 2.78 4.79
CA PRO B 104 -24.10 4.07 5.45
C PRO B 104 -23.29 4.27 6.72
N ILE B 105 -22.80 3.18 7.30
CA ILE B 105 -22.08 3.27 8.60
C ILE B 105 -20.73 2.58 8.66
N ALA B 106 -20.32 1.91 7.57
CA ALA B 106 -19.11 1.08 7.64
C ALA B 106 -18.45 0.93 6.28
N VAL B 107 -17.19 0.48 6.28
CA VAL B 107 -16.51 0.13 5.04
CA VAL B 107 -16.45 0.16 5.07
C VAL B 107 -16.06 -1.32 5.10
N SER B 108 -16.06 -2.00 3.95
CA SER B 108 -15.59 -3.38 3.94
C SER B 108 -14.07 -3.45 3.99
N SER B 109 -13.56 -4.36 4.81
CA SER B 109 -12.13 -4.52 4.95
C SER B 109 -11.57 -5.77 4.28
N PHE B 110 -12.47 -6.66 3.84
CA PHE B 110 -12.11 -7.90 3.13
C PHE B 110 -13.36 -8.52 2.50
N SER B 111 -13.19 -9.15 1.34
CA SER B 111 -14.25 -10.06 0.87
C SER B 111 -13.66 -11.18 0.06
N SER B 112 -14.34 -12.31 0.03
CA SER B 112 -13.91 -13.40 -0.83
C SER B 112 -15.13 -14.15 -1.37
N ILE B 113 -14.96 -14.84 -2.50
CA ILE B 113 -15.93 -15.77 -3.03
C ILE B 113 -15.11 -16.97 -3.50
N SER B 114 -15.53 -18.16 -3.08
CA SER B 114 -14.77 -19.38 -3.38
C SER B 114 -15.72 -20.57 -3.31
N ILE B 115 -15.20 -21.76 -3.58
CA ILE B 115 -16.00 -22.98 -3.74
C ILE B 115 -15.41 -24.05 -2.83
N TYR B 116 -16.24 -24.74 -2.03
CA TYR B 116 -15.74 -25.75 -1.11
C TYR B 116 -15.12 -26.94 -1.84
N ASP B 117 -13.97 -27.38 -1.36
CA ASP B 117 -13.44 -28.69 -1.74
C ASP B 117 -14.04 -29.78 -0.80
N GLU B 118 -14.95 -30.60 -1.35
CA GLU B 118 -15.68 -31.59 -0.53
C GLU B 118 -14.95 -32.92 -0.32
N SER B 119 -13.82 -33.10 -0.99
CA SER B 119 -13.09 -34.38 -0.91
C SER B 119 -12.71 -34.90 0.52
N PRO B 120 -12.27 -34.03 1.46
CA PRO B 120 -11.91 -34.50 2.82
C PRO B 120 -13.10 -35.03 3.64
N TYR B 121 -14.28 -34.42 3.47
CA TYR B 121 -15.52 -34.92 4.09
C TYR B 121 -15.95 -36.22 3.43
N ASN B 122 -16.12 -36.18 2.12
CA ASN B 122 -16.36 -37.37 1.32
C ASN B 122 -15.41 -38.53 1.64
N LYS B 126 -18.62 -38.63 5.12
CA LYS B 126 -19.44 -37.54 5.67
C LYS B 126 -19.79 -36.55 4.56
N LYS B 127 -20.81 -35.71 4.81
CA LYS B 127 -21.17 -34.68 3.85
C LYS B 127 -20.75 -33.31 4.39
N LEU B 128 -20.05 -32.54 3.56
CA LEU B 128 -19.63 -31.20 3.96
C LEU B 128 -20.85 -30.35 4.35
N GLU B 129 -21.90 -30.41 3.54
CA GLU B 129 -23.12 -29.68 3.85
C GLU B 129 -23.65 -29.99 5.27
N ASP B 130 -23.57 -31.26 5.70
CA ASP B 130 -23.97 -31.61 7.07
C ASP B 130 -23.14 -30.87 8.11
N SER B 131 -21.83 -30.79 7.87
CA SER B 131 -20.96 -30.03 8.78
C SER B 131 -21.37 -28.56 8.85
N LEU B 132 -21.72 -27.96 7.69
CA LEU B 132 -22.10 -26.53 7.64
C LEU B 132 -23.41 -26.28 8.37
N ARG B 133 -24.20 -27.32 8.54
CA ARG B 133 -25.52 -27.18 9.18
C ARG B 133 -25.45 -27.42 10.70
N LEU B 134 -24.30 -27.87 11.18
CA LEU B 134 -24.08 -28.02 12.62
C LEU B 134 -24.01 -26.65 13.31
N PRO B 135 -24.45 -26.56 14.57
CA PRO B 135 -24.25 -25.32 15.30
C PRO B 135 -22.78 -24.91 15.29
N PRO B 136 -22.51 -23.62 14.98
CA PRO B 136 -21.12 -23.25 14.85
C PRO B 136 -20.39 -23.27 16.19
N LEU B 137 -19.08 -23.47 16.11
CA LEU B 137 -18.19 -23.42 17.25
C LEU B 137 -17.91 -21.97 17.62
N ARG B 138 -17.25 -21.79 18.76
CA ARG B 138 -17.06 -20.47 19.37
C ARG B 138 -16.19 -19.50 18.56
N TYR B 139 -15.18 -20.04 17.89
CA TYR B 139 -14.27 -19.19 17.09
C TYR B 139 -14.19 -19.62 15.65
N PHE B 140 -13.72 -18.68 14.84
CA PHE B 140 -13.65 -18.80 13.41
C PHE B 140 -12.33 -18.18 12.94
N VAL B 141 -11.65 -18.90 12.06
CA VAL B 141 -10.47 -18.35 11.40
C VAL B 141 -10.67 -18.48 9.89
N ALA B 142 -10.38 -17.40 9.18
CA ALA B 142 -10.40 -17.43 7.73
C ALA B 142 -9.17 -16.73 7.20
N TYR B 143 -8.62 -17.20 6.10
CA TYR B 143 -7.60 -16.43 5.43
C TYR B 143 -7.38 -16.93 4.02
N PRO B 144 -7.00 -16.00 3.13
CA PRO B 144 -6.62 -16.40 1.79
C PRO B 144 -5.26 -17.10 1.82
N MSE B 145 -4.98 -17.87 0.78
CA MSE B 145 -3.70 -18.55 0.66
CA MSE B 145 -3.73 -18.61 0.68
C MSE B 145 -3.46 -18.88 -0.80
O MSE B 145 -4.39 -19.18 -1.55
CB MSE B 145 -3.69 -19.81 1.53
CB MSE B 145 -3.93 -19.94 1.41
CG MSE B 145 -2.37 -20.55 1.56
CG MSE B 145 -2.68 -20.62 1.92
SE MSE B 145 -2.25 -21.92 0.19
SE MSE B 145 -3.13 -22.51 2.13
CE MSE B 145 -3.59 -23.21 0.82
CE MSE B 145 -2.73 -23.01 0.31
N SER B 146 -2.19 -18.82 -1.21
CA SER B 146 -1.84 -19.23 -2.57
C SER B 146 -0.57 -20.04 -2.52
N LYS B 147 -0.26 -20.71 -3.63
CA LYS B 147 1.00 -21.44 -3.75
C LYS B 147 1.85 -20.89 -4.88
N THR B 148 3.16 -21.11 -4.79
CA THR B 148 4.07 -20.67 -5.84
C THR B 148 3.79 -21.39 -7.17
N PRO B 149 4.06 -20.70 -8.32
CA PRO B 149 3.84 -21.34 -9.62
C PRO B 149 4.48 -22.74 -9.72
N ASP B 150 5.63 -22.91 -9.09
CA ASP B 150 6.40 -24.16 -9.14
C ASP B 150 5.68 -25.38 -8.57
N TRP B 151 4.82 -25.15 -7.57
CA TRP B 151 4.05 -26.19 -6.93
C TRP B 151 3.22 -26.98 -7.95
N TYR B 152 2.49 -26.28 -8.82
CA TYR B 152 1.56 -26.92 -9.75
C TYR B 152 2.31 -27.63 -10.85
N LEU B 153 3.57 -27.25 -11.02
CA LEU B 153 4.40 -27.85 -12.04
C LEU B 153 5.10 -29.15 -11.60
N LEU B 154 5.04 -29.44 -10.29
CA LEU B 154 5.53 -30.69 -9.72
C LEU B 154 4.66 -31.84 -10.19
N ASP B 155 5.25 -33.05 -10.31
CA ASP B 155 4.49 -34.27 -10.62
C ASP B 155 3.35 -34.41 -9.61
N PHE B 156 2.22 -34.93 -10.07
CA PHE B 156 1.07 -35.19 -9.21
C PHE B 156 1.44 -36.09 -8.02
N ASP B 157 2.24 -37.12 -8.24
CA ASP B 157 2.65 -37.98 -7.15
C ASP B 157 3.38 -37.22 -6.03
N THR B 158 4.27 -36.30 -6.42
CA THR B 158 5.06 -35.53 -5.46
C THR B 158 4.16 -34.60 -4.63
N ARG B 159 3.20 -33.95 -5.31
CA ARG B 159 2.25 -33.08 -4.62
C ARG B 159 1.41 -33.91 -3.66
N LYS B 160 0.95 -35.07 -4.13
CA LYS B 160 0.16 -35.96 -3.30
C LYS B 160 0.92 -36.37 -2.05
N GLU B 161 2.20 -36.75 -2.22
CA GLU B 161 3.04 -37.19 -1.09
C GLU B 161 3.20 -36.04 -0.07
N ILE B 162 3.42 -34.83 -0.57
CA ILE B 162 3.58 -33.66 0.30
C ILE B 162 2.29 -33.34 1.06
N MSE B 163 1.16 -33.39 0.36
CA MSE B 163 -0.11 -33.09 1.02
C MSE B 163 -0.45 -34.17 2.04
O MSE B 163 -0.94 -33.88 3.12
CB MSE B 163 -1.26 -32.81 0.03
CG MSE B 163 -1.03 -31.53 -0.79
SE MSE B 163 -0.49 -29.98 0.28
CE MSE B 163 -1.95 -29.93 1.58
N HIS B 164 -0.16 -35.43 1.71
CA HIS B 164 -0.42 -36.49 2.66
C HIS B 164 0.40 -36.34 3.95
N GLU B 165 1.64 -35.87 3.82
CA GLU B 165 2.49 -35.61 5.01
C GLU B 165 1.84 -34.55 5.90
N HIS B 166 1.41 -33.46 5.27
CA HIS B 166 0.76 -32.37 5.99
C HIS B 166 -0.50 -32.85 6.73
N ILE B 167 -1.36 -33.58 6.02
CA ILE B 167 -2.61 -34.05 6.60
C ILE B 167 -2.36 -35.00 7.77
N LYS B 168 -1.39 -35.91 7.62
CA LYS B 168 -1.05 -36.86 8.68
C LYS B 168 -0.50 -36.15 9.92
N MSE B 169 0.31 -35.13 9.71
CA MSE B 169 0.88 -34.35 10.81
C MSE B 169 -0.23 -33.59 11.59
O MSE B 169 -0.16 -33.48 12.83
CB MSE B 169 1.91 -33.37 10.27
CG MSE B 169 2.76 -32.73 11.37
SE MSE B 169 4.07 -31.51 10.64
CE MSE B 169 5.05 -32.67 9.43
N ALA B 170 -1.20 -33.06 10.86
CA ALA B 170 -2.36 -32.41 11.46
C ALA B 170 -3.23 -33.41 12.22
N LEU B 171 -3.51 -34.57 11.62
CA LEU B 171 -4.33 -35.62 12.26
C LEU B 171 -3.77 -36.08 13.60
N ASN B 172 -2.43 -36.07 13.70
CA ASN B 172 -1.70 -36.63 14.83
C ASN B 172 -1.42 -35.66 15.98
N HIS B 173 -1.74 -34.38 15.77
CA HIS B 173 -1.50 -33.36 16.77
C HIS B 173 -2.62 -33.41 17.82
N PRO B 174 -2.26 -33.45 19.12
CA PRO B 174 -3.29 -33.57 20.16
C PRO B 174 -4.35 -32.47 20.11
N ASP B 175 -3.91 -31.25 19.78
CA ASP B 175 -4.73 -30.04 19.75
C ASP B 175 -5.63 -29.90 18.53
N GLU B 176 -5.59 -30.87 17.61
CA GLU B 176 -6.42 -30.83 16.40
C GLU B 176 -7.87 -31.14 16.76
N LYS B 177 -8.03 -31.82 17.88
CA LYS B 177 -9.33 -32.12 18.50
C LYS B 177 -10.42 -31.09 18.25
N GLY B 178 -11.46 -31.52 17.53
CA GLY B 178 -12.72 -30.77 17.45
C GLY B 178 -12.68 -29.55 16.56
N ILE B 179 -11.62 -29.37 15.81
CA ILE B 179 -11.56 -28.31 14.81
C ILE B 179 -12.28 -28.78 13.53
N ARG B 180 -13.07 -27.90 12.90
CA ARG B 180 -13.74 -28.22 11.63
C ARG B 180 -13.05 -27.40 10.58
N SER B 181 -12.47 -28.05 9.58
CA SER B 181 -11.67 -27.36 8.58
CA SER B 181 -11.71 -27.31 8.59
C SER B 181 -12.37 -27.41 7.24
N TYR B 182 -12.27 -26.31 6.48
CA TYR B 182 -12.83 -26.29 5.15
C TYR B 182 -11.80 -25.67 4.23
N THR B 183 -11.41 -26.41 3.19
CA THR B 183 -10.56 -25.82 2.15
C THR B 183 -11.51 -25.41 1.03
N THR B 184 -11.29 -24.21 0.53
CA THR B 184 -12.09 -23.70 -0.59
C THR B 184 -11.17 -23.12 -1.67
N TYR B 185 -11.63 -23.18 -2.91
CA TYR B 185 -10.79 -22.74 -4.02
C TYR B 185 -11.40 -21.59 -4.79
N SER B 186 -10.53 -20.73 -5.30
CA SER B 186 -10.99 -19.55 -6.00
C SER B 186 -10.09 -19.21 -7.21
N PHE B 187 -9.44 -20.24 -7.80
CA PHE B 187 -8.65 -20.03 -9.00
C PHE B 187 -9.49 -19.26 -10.00
N GLY B 188 -8.92 -18.18 -10.51
CA GLY B 188 -9.55 -17.47 -11.62
C GLY B 188 -10.71 -16.56 -11.26
N ILE B 189 -11.11 -16.54 -9.99
CA ILE B 189 -12.30 -15.79 -9.58
C ILE B 189 -12.05 -14.86 -8.40
N GLY B 190 -10.80 -14.78 -7.96
CA GLY B 190 -10.43 -13.86 -6.87
C GLY B 190 -8.93 -13.76 -6.74
N ASP B 191 -8.48 -12.94 -5.78
CA ASP B 191 -7.08 -12.54 -5.64
C ASP B 191 -6.21 -13.60 -5.00
N GLN B 192 -6.83 -14.71 -4.63
CA GLN B 192 -6.12 -15.81 -4.00
C GLN B 192 -6.54 -17.11 -4.66
N GLU B 193 -5.72 -18.12 -4.49
CA GLU B 193 -6.05 -19.44 -4.98
C GLU B 193 -7.01 -20.23 -4.09
N PHE B 194 -6.87 -20.03 -2.77
CA PHE B 194 -7.65 -20.79 -1.78
C PHE B 194 -8.11 -19.84 -0.68
N VAL B 195 -9.25 -20.16 -0.07
CA VAL B 195 -9.60 -19.49 1.17
C VAL B 195 -9.84 -20.65 2.14
N VAL B 196 -9.07 -20.69 3.20
CA VAL B 196 -9.21 -21.80 4.14
C VAL B 196 -9.94 -21.28 5.38
N LEU B 197 -10.94 -22.04 5.79
CA LEU B 197 -11.84 -21.65 6.87
C LEU B 197 -11.83 -22.71 7.98
N TYR B 198 -11.83 -22.25 9.23
CA TYR B 198 -11.81 -23.16 10.40
C TYR B 198 -12.79 -22.72 11.44
N GLU B 199 -13.61 -23.64 11.92
CA GLU B 199 -14.33 -23.45 13.17
C GLU B 199 -13.49 -24.09 14.26
N ILE B 200 -13.16 -23.32 15.29
CA ILE B 200 -12.26 -23.80 16.33
C ILE B 200 -12.85 -23.59 17.70
N PRO B 201 -12.63 -24.55 18.61
CA PRO B 201 -13.05 -24.33 20.00
C PRO B 201 -12.08 -23.51 20.86
N ASP B 202 -10.82 -23.41 20.45
CA ASP B 202 -9.79 -22.76 21.30
C ASP B 202 -8.67 -22.12 20.50
N ILE B 203 -8.48 -20.82 20.72
CA ILE B 203 -7.54 -20.03 19.90
C ILE B 203 -6.09 -20.54 20.05
N ALA B 204 -5.64 -20.68 21.29
CA ALA B 204 -4.26 -21.09 21.52
C ALA B 204 -3.97 -22.50 21.01
N ALA B 205 -4.94 -23.42 21.18
CA ALA B 205 -4.81 -24.81 20.66
C ALA B 205 -4.65 -24.80 19.13
N TRP B 206 -5.50 -24.05 18.44
CA TRP B 206 -5.34 -23.83 17.00
C TRP B 206 -3.96 -23.24 16.65
N SER B 207 -3.48 -22.27 17.43
CA SER B 207 -2.20 -21.65 17.11
C SER B 207 -1.06 -22.67 17.25
N ARG B 208 -1.16 -23.55 18.25
CA ARG B 208 -0.18 -24.62 18.45
C ARG B 208 -0.18 -25.65 17.32
N VAL B 209 -1.37 -26.03 16.84
CA VAL B 209 -1.50 -26.91 15.68
C VAL B 209 -0.81 -26.25 14.49
N THR B 210 -1.11 -24.98 14.27
CA THR B 210 -0.56 -24.28 13.12
C THR B 210 0.98 -24.23 13.23
N GLU B 211 1.47 -23.99 14.44
CA GLU B 211 2.92 -23.92 14.65
C GLU B 211 3.61 -25.23 14.28
N LYS B 212 3.04 -26.34 14.76
CA LYS B 212 3.57 -27.67 14.43
C LYS B 212 3.61 -27.85 12.92
N LEU B 213 2.52 -27.48 12.26
CA LEU B 213 2.43 -27.64 10.81
C LEU B 213 3.43 -26.83 9.98
N ARG B 214 4.12 -25.85 10.59
CA ARG B 214 5.27 -25.25 9.93
C ARG B 214 6.40 -26.25 9.60
N GLU B 215 6.38 -27.40 10.25
CA GLU B 215 7.37 -28.46 10.00
C GLU B 215 7.07 -29.33 8.79
N ALA B 216 5.89 -29.16 8.20
CA ALA B 216 5.56 -29.88 6.96
C ALA B 216 6.21 -29.26 5.72
N ARG B 217 6.68 -30.11 4.81
CA ARG B 217 7.28 -29.65 3.55
C ARG B 217 6.34 -28.82 2.71
N ALA B 218 5.03 -29.01 2.87
CA ALA B 218 4.03 -28.17 2.14
C ALA B 218 4.35 -26.68 2.24
N ARG B 219 4.84 -26.27 3.40
CA ARG B 219 5.14 -24.86 3.66
C ARG B 219 6.07 -24.20 2.65
N LYS B 220 6.93 -24.99 2.01
CA LYS B 220 7.92 -24.43 1.08
C LYS B 220 7.30 -23.71 -0.10
N TRP B 221 6.05 -24.08 -0.42
CA TRP B 221 5.38 -23.53 -1.60
C TRP B 221 4.21 -22.63 -1.24
N ILE B 222 3.93 -22.45 0.04
CA ILE B 222 2.77 -21.65 0.48
C ILE B 222 3.16 -20.20 0.65
N ILE B 223 2.33 -19.31 0.12
CA ILE B 223 2.51 -17.85 0.28
C ILE B 223 1.21 -17.13 0.60
N LYS B 224 1.32 -15.84 0.95
CA LYS B 224 0.19 -14.88 0.94
C LYS B 224 -1.00 -15.22 1.87
N GLU B 225 -0.70 -15.63 3.10
CA GLU B 225 -1.72 -15.91 4.09
C GLU B 225 -1.95 -14.64 4.93
N THR B 226 -2.48 -13.62 4.28
CA THR B 226 -2.90 -12.37 4.95
C THR B 226 -4.05 -11.78 4.14
N PRO B 227 -5.07 -11.19 4.81
CA PRO B 227 -5.14 -11.11 6.27
C PRO B 227 -5.61 -12.42 6.88
N ILE B 228 -5.15 -12.72 8.09
CA ILE B 228 -5.82 -13.80 8.85
C ILE B 228 -6.89 -13.20 9.72
N LEU B 229 -8.15 -13.60 9.48
CA LEU B 229 -9.32 -13.09 10.25
C LEU B 229 -9.58 -14.05 11.41
N LEU B 230 -9.72 -13.51 12.62
CA LEU B 230 -10.04 -14.33 13.78
C LEU B 230 -11.27 -13.73 14.42
N GLY B 231 -12.30 -14.56 14.55
CA GLY B 231 -13.61 -14.12 15.05
C GLY B 231 -14.15 -14.92 16.21
N ARG B 232 -15.07 -14.29 16.94
CA ARG B 232 -15.76 -14.88 18.07
C ARG B 232 -17.25 -14.86 17.69
N LEU B 233 -17.87 -16.04 17.67
CA LEU B 233 -19.27 -16.20 17.27
C LEU B 233 -20.17 -15.26 18.06
N VAL B 234 -21.11 -14.62 17.36
CA VAL B 234 -22.07 -13.75 18.01
C VAL B 234 -23.47 -13.83 17.40
N ASP B 235 -24.48 -13.79 18.24
CA ASP B 235 -25.85 -13.68 17.77
CA ASP B 235 -25.87 -13.67 17.79
C ASP B 235 -26.15 -12.28 17.24
N ALA B 236 -26.90 -12.19 16.14
CA ALA B 236 -27.25 -10.89 15.51
C ALA B 236 -27.83 -9.87 16.51
N GLY B 237 -28.67 -10.35 17.42
CA GLY B 237 -29.26 -9.50 18.46
C GLY B 237 -28.35 -9.02 19.59
N ASP B 238 -27.12 -9.54 19.65
CA ASP B 238 -26.16 -9.19 20.70
C ASP B 238 -25.02 -8.29 20.19
N ILE B 239 -24.83 -8.26 18.87
CA ILE B 239 -23.66 -7.57 18.31
C ILE B 239 -23.65 -6.04 18.61
N ALA B 240 -24.81 -5.36 18.57
CA ALA B 240 -24.83 -3.92 18.80
C ALA B 240 -24.31 -3.59 20.19
N GLY B 241 -24.71 -4.40 21.17
CA GLY B 241 -24.28 -4.25 22.56
C GLY B 241 -22.77 -4.43 22.69
N PHE B 242 -22.21 -5.37 21.95
CA PHE B 242 -20.75 -5.62 22.00
C PHE B 242 -19.98 -4.50 21.31
N LEU B 243 -20.48 -4.04 20.17
CA LEU B 243 -19.71 -3.06 19.38
C LEU B 243 -19.77 -1.63 19.88
N LEU B 244 -20.92 -1.25 20.44
CA LEU B 244 -21.18 0.16 20.80
C LEU B 244 -21.30 0.41 22.30
N THR C 22 -4.05 -22.29 30.85
CA THR C 22 -2.65 -21.91 31.26
C THR C 22 -2.05 -20.83 30.37
N GLU C 23 -2.52 -20.72 29.13
CA GLU C 23 -1.88 -19.79 28.19
C GLU C 23 -2.21 -18.33 28.57
N ILE C 24 -1.30 -17.41 28.25
CA ILE C 24 -1.57 -16.00 28.46
C ILE C 24 -1.57 -15.32 27.09
N TYR C 25 -2.66 -14.63 26.79
CA TYR C 25 -2.77 -13.86 25.55
C TYR C 25 -2.35 -12.43 25.76
N THR C 26 -1.95 -11.77 24.68
CA THR C 26 -1.63 -10.35 24.77
C THR C 26 -1.99 -9.64 23.46
N SER C 27 -2.28 -8.36 23.59
CA SER C 27 -2.61 -7.52 22.44
CA SER C 27 -2.63 -7.51 22.44
C SER C 27 -1.87 -6.21 22.53
N VAL C 28 -1.43 -5.72 21.37
CA VAL C 28 -0.91 -4.37 21.25
C VAL C 28 -1.82 -3.69 20.23
N LEU C 29 -2.35 -2.51 20.59
CA LEU C 29 -3.22 -1.73 19.70
C LEU C 29 -2.60 -0.35 19.58
N SER C 30 -2.64 0.25 18.39
CA SER C 30 -2.26 1.64 18.30
C SER C 30 -3.34 2.43 17.59
N TYR C 31 -3.50 3.68 17.99
CA TYR C 31 -4.49 4.60 17.43
C TYR C 31 -3.91 5.95 17.09
N ARG C 32 -4.50 6.56 16.05
CA ARG C 32 -4.15 7.92 15.63
CA ARG C 32 -4.15 7.92 15.63
C ARG C 32 -5.38 8.80 15.71
N LEU C 33 -5.27 9.94 16.39
CA LEU C 33 -6.38 10.87 16.46
C LEU C 33 -6.63 11.43 15.07
N LEU C 34 -7.90 11.52 14.71
CA LEU C 34 -8.26 11.95 13.36
C LEU C 34 -7.91 13.42 13.17
N GLU C 35 -7.44 13.74 11.97
CA GLU C 35 -7.07 15.09 11.56
C GLU C 35 -8.25 15.89 11.08
N GLY C 36 -8.09 17.21 10.97
CA GLY C 36 -9.13 18.06 10.40
C GLY C 36 -10.03 18.71 11.41
N LYS C 37 -9.79 18.41 12.69
CA LYS C 37 -10.57 18.97 13.78
C LYS C 37 -9.73 19.65 14.85
N ALA C 38 -10.11 20.87 15.22
CA ALA C 38 -9.46 21.53 16.34
C ALA C 38 -10.12 21.06 17.65
N TYR C 39 -9.31 20.82 18.66
CA TYR C 39 -9.80 20.39 19.98
C TYR C 39 -10.01 21.57 20.93
N SER C 40 -11.25 21.75 21.38
CA SER C 40 -11.55 22.76 22.39
C SER C 40 -11.05 22.30 23.75
N ASP C 41 -11.10 23.19 24.74
CA ASP C 41 -10.86 22.83 26.13
C ASP C 41 -11.78 21.70 26.63
N ALA C 42 -13.07 21.76 26.26
CA ALA C 42 -14.03 20.67 26.58
C ALA C 42 -13.69 19.33 25.92
N ASP C 43 -13.13 19.38 24.71
CA ASP C 43 -12.64 18.18 24.01
C ASP C 43 -11.45 17.58 24.73
N THR C 44 -10.60 18.45 25.30
CA THR C 44 -9.43 18.00 26.07
C THR C 44 -9.85 17.28 27.34
N ARG C 45 -10.80 17.87 28.07
CA ARG C 45 -11.35 17.22 29.24
C ARG C 45 -12.03 15.90 28.91
N SER C 46 -12.74 15.88 27.78
CA SER C 46 -13.43 14.67 27.37
C SER C 46 -12.43 13.57 27.09
N LEU C 47 -11.33 13.92 26.42
CA LEU C 47 -10.28 12.94 26.16
C LEU C 47 -9.68 12.38 27.48
N ASP C 48 -9.37 13.29 28.41
CA ASP C 48 -8.88 12.90 29.72
C ASP C 48 -9.85 11.93 30.40
N ARG C 49 -11.13 12.27 30.42
CA ARG C 49 -12.12 11.38 31.06
C ARG C 49 -12.13 10.00 30.36
N MSE C 50 -12.08 10.03 29.02
CA MSE C 50 -12.18 8.82 28.23
C MSE C 50 -10.96 7.91 28.46
O MSE C 50 -11.09 6.69 28.57
CB MSE C 50 -12.38 9.16 26.75
CG MSE C 50 -12.48 7.89 25.91
SE MSE C 50 -10.85 7.45 25.06
CE MSE C 50 -11.22 8.68 23.66
N MSE C 51 -9.79 8.51 28.56
CA MSE C 51 -8.56 7.73 28.78
C MSE C 51 -8.57 7.13 30.17
O MSE C 51 -8.23 5.93 30.35
CB MSE C 51 -7.33 8.60 28.54
CG MSE C 51 -7.07 8.91 27.07
SE MSE C 51 -6.48 7.25 26.11
CE MSE C 51 -6.34 8.00 24.32
N ARG C 52 -8.96 7.92 31.16
CA ARG C 52 -9.07 7.43 32.53
C ARG C 52 -10.12 6.31 32.62
N SER C 53 -11.21 6.46 31.86
CA SER C 53 -12.24 5.42 31.82
C SER C 53 -11.71 4.10 31.25
N ILE C 54 -10.92 4.15 30.17
CA ILE C 54 -10.30 2.94 29.63
C ILE C 54 -9.38 2.31 30.66
N ASP C 55 -8.53 3.11 31.28
CA ASP C 55 -7.59 2.61 32.29
C ASP C 55 -8.34 1.86 33.44
N GLU C 56 -9.44 2.44 33.88
CA GLU C 56 -10.24 1.86 34.98
C GLU C 56 -11.06 0.65 34.54
N PHE C 57 -11.42 0.60 33.26
CA PHE C 57 -11.99 -0.61 32.68
C PHE C 57 -11.05 -1.81 32.96
N PHE C 58 -9.76 -1.62 32.68
CA PHE C 58 -8.77 -2.69 32.89
C PHE C 58 -8.50 -2.95 34.38
N SER C 59 -8.30 -1.88 35.15
CA SER C 59 -8.01 -2.06 36.58
C SER C 59 -9.21 -2.68 37.33
N ALA C 60 -10.43 -2.48 36.83
CA ALA C 60 -11.62 -3.04 37.50
C ALA C 60 -11.77 -4.56 37.32
N ASN C 61 -11.01 -5.14 36.38
CA ASN C 61 -11.06 -6.59 36.18
C ASN C 61 -9.69 -7.22 36.34
N PRO C 62 -9.44 -7.88 37.49
CA PRO C 62 -8.12 -8.50 37.74
C PRO C 62 -7.75 -9.57 36.71
N GLY C 63 -8.76 -10.07 35.97
CA GLY C 63 -8.53 -10.88 34.76
C GLY C 63 -7.46 -10.30 33.81
N TYR C 64 -7.31 -8.96 33.81
CA TYR C 64 -6.26 -8.33 33.00
C TYR C 64 -5.01 -8.32 33.84
N ILE C 65 -4.03 -9.14 33.45
CA ILE C 65 -2.73 -9.27 34.15
C ILE C 65 -1.95 -7.96 34.05
N ASN C 66 -1.95 -7.35 32.87
CA ASN C 66 -1.38 -6.01 32.75
C ASN C 66 -2.16 -5.14 31.81
N PHE C 67 -1.99 -3.83 31.98
CA PHE C 67 -2.50 -2.85 30.97
C PHE C 67 -1.61 -1.60 31.08
N HIS C 68 -0.99 -1.22 29.96
CA HIS C 68 -0.17 -0.02 29.92
C HIS C 68 -0.47 0.82 28.67
N ILE C 69 -0.34 2.13 28.80
CA ILE C 69 -0.50 3.11 27.70
C ILE C 69 0.84 3.76 27.40
N TYR C 70 1.10 4.03 26.12
CA TYR C 70 2.36 4.61 25.69
C TYR C 70 2.09 5.73 24.72
N ARG C 71 2.84 6.80 24.87
CA ARG C 71 2.92 7.82 23.83
C ARG C 71 3.72 7.26 22.68
N SER C 72 3.37 7.66 21.47
CA SER C 72 3.99 7.11 20.25
C SER C 72 5.07 8.02 19.64
N TYR C 73 6.26 7.47 19.41
CA TYR C 73 7.26 8.24 18.64
C TYR C 73 6.85 8.41 17.17
N ARG C 74 6.18 7.41 16.59
CA ARG C 74 5.77 7.44 15.17
C ARG C 74 4.59 8.39 15.02
N THR C 75 4.61 9.24 13.99
CA THR C 75 3.45 10.11 13.74
C THR C 75 2.19 9.37 13.26
N ASP C 76 2.33 8.12 12.80
CA ASP C 76 1.12 7.37 12.39
C ASP C 76 0.29 6.83 13.55
N SER C 77 0.75 7.09 14.78
CA SER C 77 -0.04 6.81 15.99
C SER C 77 0.12 7.94 17.03
N ASP C 78 -0.86 8.10 17.91
CA ASP C 78 -0.75 9.00 19.03
C ASP C 78 -0.66 8.24 20.35
N VAL C 79 -1.18 7.00 20.39
CA VAL C 79 -1.20 6.23 21.62
C VAL C 79 -1.07 4.74 21.27
N ILE C 80 -0.40 3.98 22.13
CA ILE C 80 -0.25 2.52 22.01
C ILE C 80 -0.77 1.90 23.30
N PHE C 81 -1.52 0.79 23.19
CA PHE C 81 -2.07 0.08 24.35
C PHE C 81 -1.49 -1.30 24.35
N TRP C 82 -1.15 -1.80 25.53
CA TRP C 82 -0.64 -3.16 25.68
C TRP C 82 -1.34 -3.79 26.86
N TYR C 83 -1.96 -4.96 26.65
CA TYR C 83 -2.65 -5.65 27.80
C TYR C 83 -2.62 -7.13 27.61
N SER C 84 -2.81 -7.87 28.71
CA SER C 84 -2.63 -9.33 28.74
C SER C 84 -3.69 -9.96 29.63
N SER C 85 -4.09 -11.20 29.28
CA SER C 85 -5.05 -11.98 30.08
C SER C 85 -4.99 -13.45 29.66
N ARG C 86 -5.23 -14.35 30.62
CA ARG C 86 -5.45 -15.77 30.28
C ARG C 86 -6.78 -16.00 29.58
N ASN C 87 -7.69 -15.03 29.70
CA ASN C 87 -9.08 -15.22 29.26
C ASN C 87 -9.31 -14.65 27.87
N PRO C 88 -9.51 -15.53 26.86
CA PRO C 88 -9.68 -15.02 25.48
C PRO C 88 -10.95 -14.16 25.31
N ASP C 89 -11.95 -14.37 26.17
CA ASP C 89 -13.20 -13.57 26.23
CA ASP C 89 -13.10 -13.51 26.03
C ASP C 89 -12.86 -12.15 26.66
N LEU C 90 -12.03 -12.05 27.70
CA LEU C 90 -11.56 -10.71 28.12
C LEU C 90 -10.77 -10.03 26.99
N MSE C 91 -10.04 -10.81 26.19
CA MSE C 91 -9.25 -10.19 25.11
C MSE C 91 -10.18 -9.53 24.08
O MSE C 91 -9.93 -8.41 23.65
CB MSE C 91 -8.26 -11.19 24.44
CG MSE C 91 -7.21 -11.77 25.48
SE MSE C 91 -6.17 -10.35 26.33
CE MSE C 91 -5.15 -9.77 24.76
N ILE C 92 -11.28 -10.20 23.71
CA ILE C 92 -12.13 -9.59 22.68
C ILE C 92 -12.94 -8.44 23.30
N LEU C 93 -13.35 -8.60 24.56
CA LEU C 93 -14.04 -7.47 25.26
C LEU C 93 -13.17 -6.23 25.37
N ALA C 94 -11.89 -6.43 25.62
CA ALA C 94 -10.95 -5.31 25.76
C ALA C 94 -10.79 -4.59 24.44
N LYS C 95 -10.60 -5.35 23.38
CA LYS C 95 -10.43 -4.80 22.02
C LYS C 95 -11.70 -3.99 21.70
N GLU C 96 -12.87 -4.54 22.00
CA GLU C 96 -14.11 -3.83 21.67
C GLU C 96 -14.29 -2.53 22.49
N ARG C 97 -13.92 -2.61 23.76
CA ARG C 97 -14.02 -1.47 24.66
C ARG C 97 -13.15 -0.31 24.17
N VAL C 98 -11.89 -0.63 23.87
CA VAL C 98 -10.94 0.38 23.44
C VAL C 98 -11.42 0.94 22.10
N GLN C 99 -11.82 0.06 21.18
CA GLN C 99 -12.26 0.54 19.87
CA GLN C 99 -12.30 0.52 19.87
C GLN C 99 -13.52 1.43 19.99
N ALA C 100 -14.45 1.04 20.86
CA ALA C 100 -15.68 1.82 21.05
C ALA C 100 -15.38 3.21 21.60
N SER C 101 -14.40 3.28 22.50
CA SER C 101 -13.98 4.55 23.09
C SER C 101 -13.26 5.43 22.08
N MSE C 102 -12.43 4.80 21.24
CA MSE C 102 -11.52 5.54 20.34
C MSE C 102 -12.21 5.92 19.02
O MSE C 102 -11.88 6.94 18.47
CB MSE C 102 -10.29 4.71 20.00
CG MSE C 102 -9.44 4.32 21.21
SE MSE C 102 -8.67 5.85 22.14
CE MSE C 102 -7.80 6.59 20.71
N ARG C 103 -13.14 5.11 18.50
CA ARG C 103 -13.68 5.37 17.15
C ARG C 103 -14.31 6.78 16.88
N PRO C 104 -14.97 7.42 17.88
CA PRO C 104 -15.47 8.76 17.55
C PRO C 104 -14.39 9.78 17.22
N ILE C 105 -13.15 9.51 17.63
CA ILE C 105 -12.10 10.51 17.48
C ILE C 105 -10.78 9.99 16.86
N ALA C 106 -10.73 8.71 16.53
CA ALA C 106 -9.45 8.10 16.16
C ALA C 106 -9.64 6.85 15.32
N VAL C 107 -8.59 6.47 14.60
CA VAL C 107 -8.59 5.24 13.85
C VAL C 107 -7.43 4.34 14.31
N SER C 108 -7.64 3.02 14.35
CA SER C 108 -6.53 2.15 14.69
C SER C 108 -5.52 2.05 13.57
N SER C 109 -4.26 2.12 13.93
CA SER C 109 -3.19 2.00 12.97
C SER C 109 -2.50 0.64 13.03
N PHE C 110 -2.83 -0.18 14.04
CA PHE C 110 -2.23 -1.50 14.19
C PHE C 110 -2.96 -2.25 15.28
N SER C 111 -3.08 -3.55 15.09
CA SER C 111 -3.42 -4.45 16.21
C SER C 111 -2.79 -5.82 16.06
N SER C 112 -2.54 -6.46 17.19
CA SER C 112 -2.07 -7.84 17.19
C SER C 112 -2.73 -8.58 18.33
N ILE C 113 -2.91 -9.90 18.14
CA ILE C 113 -3.30 -10.80 19.20
C ILE C 113 -2.30 -11.97 19.14
N SER C 114 -1.72 -12.30 20.27
CA SER C 114 -0.69 -13.32 20.31
C SER C 114 -0.65 -13.98 21.68
N ILE C 115 0.19 -15.01 21.79
CA ILE C 115 0.24 -15.86 22.99
C ILE C 115 1.67 -15.87 23.49
N TYR C 116 1.88 -15.59 24.77
CA TYR C 116 3.25 -15.64 25.31
C TYR C 116 3.85 -17.04 25.23
N ASP C 117 5.13 -17.08 24.84
CA ASP C 117 5.93 -18.31 24.76
C ASP C 117 6.24 -18.83 26.13
N LYS C 126 11.69 -16.67 37.85
CA LYS C 126 10.79 -15.56 37.51
C LYS C 126 9.73 -15.95 36.49
N LYS C 127 8.56 -16.41 36.96
CA LYS C 127 7.43 -16.76 36.08
C LYS C 127 7.06 -15.58 35.20
N LEU C 128 6.61 -15.88 33.99
CA LEU C 128 6.25 -14.83 33.06
C LEU C 128 5.14 -13.97 33.65
N GLU C 129 4.16 -14.59 34.28
CA GLU C 129 3.09 -13.84 34.93
C GLU C 129 3.61 -12.84 35.97
N ASP C 130 4.54 -13.25 36.83
CA ASP C 130 5.17 -12.32 37.77
C ASP C 130 5.87 -11.15 37.08
N SER C 131 6.56 -11.46 35.99
CA SER C 131 7.23 -10.45 35.21
C SER C 131 6.24 -9.40 34.69
N LEU C 132 5.08 -9.86 34.22
CA LEU C 132 4.06 -8.95 33.69
C LEU C 132 3.46 -8.02 34.75
N ARG C 133 3.67 -8.37 36.03
CA ARG C 133 3.10 -7.59 37.11
C ARG C 133 4.08 -6.56 37.67
N LEU C 134 5.32 -6.60 37.19
CA LEU C 134 6.35 -5.66 37.65
C LEU C 134 6.04 -4.25 37.11
N PRO C 135 6.46 -3.19 37.84
CA PRO C 135 6.23 -1.85 37.32
C PRO C 135 6.93 -1.68 35.96
N PRO C 136 6.23 -1.08 35.00
CA PRO C 136 6.76 -1.08 33.64
C PRO C 136 7.94 -0.13 33.46
N LEU C 137 8.80 -0.46 32.50
CA LEU C 137 9.93 0.42 32.21
C LEU C 137 9.48 1.60 31.35
N ARG C 138 10.38 2.55 31.17
CA ARG C 138 10.03 3.80 30.54
C ARG C 138 9.68 3.69 29.06
N TYR C 139 10.33 2.80 28.34
CA TYR C 139 10.09 2.65 26.91
C TYR C 139 9.62 1.25 26.57
N PHE C 140 9.00 1.13 25.39
CA PHE C 140 8.37 -0.09 24.94
C PHE C 140 8.59 -0.21 23.45
N VAL C 141 8.97 -1.40 23.02
CA VAL C 141 9.05 -1.69 21.59
C VAL C 141 8.18 -2.90 21.30
N ALA C 142 7.34 -2.80 20.27
CA ALA C 142 6.61 -3.98 19.78
C ALA C 142 6.93 -4.12 18.31
N TYR C 143 7.17 -5.33 17.86
CA TYR C 143 7.08 -5.48 16.39
C TYR C 143 6.76 -6.90 16.02
N PRO C 144 6.06 -7.04 14.89
CA PRO C 144 5.83 -8.31 14.32
C PRO C 144 7.12 -8.84 13.67
N MSE C 145 7.17 -10.15 13.53
N MSE C 145 7.27 -10.16 13.63
CA MSE C 145 8.31 -10.81 12.91
CA MSE C 145 8.33 -10.79 12.84
C MSE C 145 7.83 -12.16 12.39
C MSE C 145 7.94 -12.19 12.46
O MSE C 145 6.88 -12.72 12.92
O MSE C 145 7.19 -12.85 13.17
CB MSE C 145 9.41 -10.98 13.93
CB MSE C 145 9.70 -10.77 13.53
CG MSE C 145 10.68 -11.57 13.41
CG MSE C 145 9.75 -11.34 14.94
SE MSE C 145 10.69 -13.49 13.76
SE MSE C 145 11.60 -11.87 15.42
CE MSE C 145 11.08 -13.40 15.67
CE MSE C 145 11.64 -13.35 14.20
N SER C 146 8.46 -12.65 11.32
CA SER C 146 8.19 -14.01 10.84
C SER C 146 9.51 -14.65 10.47
N LYS C 147 9.50 -15.94 10.17
CA LYS C 147 10.72 -16.61 9.75
C LYS C 147 10.48 -17.29 8.40
N THR C 148 11.56 -17.53 7.65
CA THR C 148 11.42 -18.18 6.35
C THR C 148 10.99 -19.64 6.53
N PRO C 149 10.28 -20.22 5.54
CA PRO C 149 9.80 -21.60 5.71
C PRO C 149 10.91 -22.58 6.04
N ASP C 150 12.10 -22.35 5.48
CA ASP C 150 13.27 -23.21 5.71
C ASP C 150 13.63 -23.38 7.18
N TRP C 151 13.47 -22.29 7.96
CA TRP C 151 13.73 -22.32 9.39
C TRP C 151 13.08 -23.51 10.11
N TYR C 152 11.76 -23.67 9.91
CA TYR C 152 10.96 -24.64 10.65
C TYR C 152 11.21 -26.04 10.19
N LEU C 153 11.87 -26.16 9.05
CA LEU C 153 12.19 -27.46 8.49
C LEU C 153 13.56 -27.97 9.02
N LEU C 154 14.30 -27.09 9.72
CA LEU C 154 15.51 -27.47 10.47
C LEU C 154 15.18 -28.35 11.69
N ASP C 155 16.13 -29.22 12.11
CA ASP C 155 15.95 -30.03 13.31
C ASP C 155 15.71 -29.16 14.57
N PHE C 156 14.82 -29.59 15.46
CA PHE C 156 14.57 -28.85 16.73
C PHE C 156 15.85 -28.52 17.53
N ASP C 157 16.76 -29.50 17.61
CA ASP C 157 18.06 -29.30 18.29
C ASP C 157 18.91 -28.21 17.62
N THR C 158 19.00 -28.26 16.30
CA THR C 158 19.62 -27.21 15.50
C THR C 158 19.01 -25.81 15.76
N ARG C 159 17.67 -25.70 15.70
CA ARG C 159 17.01 -24.43 16.02
C ARG C 159 17.25 -23.99 17.47
N LYS C 160 17.21 -24.95 18.39
CA LYS C 160 17.45 -24.64 19.79
C LYS C 160 18.85 -24.06 20.00
N GLU C 161 19.84 -24.68 19.38
CA GLU C 161 21.23 -24.20 19.40
C GLU C 161 21.36 -22.80 18.79
N ILE C 162 20.74 -22.58 17.65
CA ILE C 162 20.72 -21.25 17.03
C ILE C 162 20.07 -20.21 17.95
N MSE C 163 18.94 -20.57 18.55
CA MSE C 163 18.28 -19.62 19.44
C MSE C 163 19.08 -19.35 20.72
O MSE C 163 19.13 -18.22 21.21
CB MSE C 163 16.85 -20.08 19.71
CG MSE C 163 15.93 -19.88 18.48
SE MSE C 163 16.23 -18.22 17.44
CE MSE C 163 15.79 -16.88 18.78
N HIS C 164 19.74 -20.38 21.24
CA HIS C 164 20.60 -20.17 22.40
C HIS C 164 21.82 -19.28 22.13
N GLU C 165 22.48 -19.42 20.97
CA GLU C 165 23.57 -18.49 20.61
C GLU C 165 23.07 -17.04 20.61
N HIS C 166 21.85 -16.85 20.10
CA HIS C 166 21.27 -15.53 19.97
C HIS C 166 20.97 -14.94 21.34
N ILE C 167 20.34 -15.73 22.21
CA ILE C 167 20.12 -15.33 23.62
C ILE C 167 21.43 -14.97 24.32
N LYS C 168 22.44 -15.81 24.11
CA LYS C 168 23.77 -15.64 24.70
C LYS C 168 24.43 -14.37 24.21
N MSE C 169 24.32 -14.09 22.91
CA MSE C 169 24.89 -12.86 22.32
C MSE C 169 24.25 -11.62 22.94
O MSE C 169 24.95 -10.66 23.27
CB MSE C 169 24.72 -12.83 20.78
CG MSE C 169 25.43 -11.65 20.10
SE MSE C 169 25.48 -11.76 18.15
CE MSE C 169 25.70 -13.68 18.00
N ALA C 170 22.93 -11.67 23.11
CA ALA C 170 22.19 -10.59 23.77
C ALA C 170 22.66 -10.41 25.21
N LEU C 171 22.66 -11.50 25.98
CA LEU C 171 23.11 -11.48 27.38
C LEU C 171 24.52 -10.91 27.60
N ASN C 172 25.40 -11.10 26.62
CA ASN C 172 26.79 -10.67 26.74
C ASN C 172 27.05 -9.26 26.27
N HIS C 173 26.05 -8.61 25.68
CA HIS C 173 26.22 -7.26 25.19
C HIS C 173 26.25 -6.29 26.36
N PRO C 174 27.23 -5.38 26.39
CA PRO C 174 27.34 -4.37 27.45
C PRO C 174 26.12 -3.43 27.55
N ASP C 175 25.31 -3.34 26.49
CA ASP C 175 24.15 -2.43 26.45
C ASP C 175 22.81 -3.13 26.76
N GLU C 176 22.86 -4.41 27.12
CA GLU C 176 21.64 -5.22 27.31
C GLU C 176 21.00 -5.07 28.69
N LYS C 177 21.75 -4.49 29.64
CA LYS C 177 21.28 -4.41 31.02
C LYS C 177 19.86 -3.84 31.21
N GLY C 178 18.98 -4.60 31.87
CA GLY C 178 17.67 -4.08 32.28
C GLY C 178 16.55 -4.23 31.27
N ILE C 179 16.87 -4.66 30.06
CA ILE C 179 15.86 -4.95 29.03
C ILE C 179 15.06 -6.18 29.42
N ARG C 180 13.74 -6.10 29.28
CA ARG C 180 12.86 -7.23 29.47
C ARG C 180 12.27 -7.54 28.12
N SER C 181 12.31 -8.81 27.73
CA SER C 181 11.74 -9.17 26.44
C SER C 181 10.73 -10.31 26.56
N TYR C 182 9.71 -10.28 25.71
CA TYR C 182 8.74 -11.34 25.66
C TYR C 182 8.49 -11.72 24.23
N THR C 183 8.75 -12.97 23.91
CA THR C 183 8.44 -13.49 22.58
C THR C 183 7.04 -14.07 22.67
N THR C 184 6.19 -13.63 21.75
CA THR C 184 4.83 -14.11 21.71
C THR C 184 4.58 -14.66 20.31
N TYR C 185 3.68 -15.63 20.24
CA TYR C 185 3.36 -16.22 18.95
C TYR C 185 1.94 -16.06 18.50
N SER C 186 1.79 -16.03 17.17
CA SER C 186 0.50 -15.80 16.55
C SER C 186 0.32 -16.65 15.30
N PHE C 187 0.97 -17.83 15.23
CA PHE C 187 0.72 -18.73 14.11
C PHE C 187 -0.77 -18.95 13.90
N GLY C 188 -1.21 -18.80 12.65
CA GLY C 188 -2.62 -19.02 12.29
C GLY C 188 -3.67 -18.09 12.89
N ILE C 189 -3.23 -17.04 13.58
CA ILE C 189 -4.19 -16.13 14.20
C ILE C 189 -3.92 -14.66 13.93
N GLY C 190 -2.91 -14.38 13.10
CA GLY C 190 -2.60 -12.99 12.70
C GLY C 190 -1.64 -12.99 11.53
N ASP C 191 -1.25 -11.79 11.11
CA ASP C 191 -0.50 -11.58 9.85
C ASP C 191 1.01 -11.68 10.03
N GLN C 192 1.45 -12.14 11.20
CA GLN C 192 2.87 -12.38 11.47
C GLN C 192 2.93 -13.63 12.33
N GLU C 193 4.10 -14.22 12.46
CA GLU C 193 4.24 -15.48 13.21
C GLU C 193 4.52 -15.19 14.69
N PHE C 194 5.23 -14.09 14.92
CA PHE C 194 5.59 -13.65 16.27
C PHE C 194 5.33 -12.17 16.45
N VAL C 195 5.08 -11.78 17.70
CA VAL C 195 5.13 -10.36 18.09
C VAL C 195 6.11 -10.34 19.27
N VAL C 196 7.25 -9.65 19.12
CA VAL C 196 8.21 -9.64 20.20
C VAL C 196 8.06 -8.30 20.89
N LEU C 197 7.97 -8.33 22.20
CA LEU C 197 7.70 -7.13 22.99
C LEU C 197 8.88 -6.89 23.89
N TYR C 198 9.28 -5.63 24.02
CA TYR C 198 10.40 -5.29 24.91
C TYR C 198 10.06 -4.12 25.77
N GLU C 199 10.41 -4.20 27.06
CA GLU C 199 10.43 -3.05 27.92
C GLU C 199 11.90 -2.68 28.05
N ILE C 200 12.21 -1.42 27.79
CA ILE C 200 13.60 -1.01 27.72
C ILE C 200 13.82 0.28 28.51
N PRO C 201 14.96 0.38 29.21
CA PRO C 201 15.29 1.63 29.91
C PRO C 201 15.93 2.72 29.04
N ASP C 202 16.54 2.35 27.90
CA ASP C 202 17.43 3.26 27.14
C ASP C 202 17.28 2.92 25.67
N ILE C 203 16.73 3.86 24.89
CA ILE C 203 16.44 3.59 23.46
C ILE C 203 17.72 3.33 22.67
N ALA C 204 18.70 4.21 22.83
CA ALA C 204 19.96 4.09 22.06
C ALA C 204 20.69 2.80 22.40
N ALA C 205 20.73 2.45 23.70
CA ALA C 205 21.35 1.20 24.16
C ALA C 205 20.69 -0.01 23.50
N TRP C 206 19.35 -0.05 23.49
CA TRP C 206 18.61 -1.14 22.83
C TRP C 206 18.93 -1.19 21.32
N SER C 207 19.01 -0.03 20.67
CA SER C 207 19.31 -0.01 19.24
C SER C 207 20.69 -0.64 18.94
N ARG C 208 21.65 -0.34 19.80
CA ARG C 208 23.02 -0.92 19.70
C ARG C 208 23.07 -2.44 19.90
N VAL C 209 22.34 -2.95 20.90
CA VAL C 209 22.15 -4.41 21.09
C VAL C 209 21.55 -5.02 19.84
N THR C 210 20.51 -4.39 19.30
CA THR C 210 19.87 -4.90 18.08
C THR C 210 20.86 -4.96 16.93
N GLU C 211 21.67 -3.91 16.79
CA GLU C 211 22.66 -3.86 15.71
C GLU C 211 23.66 -4.99 15.82
N LYS C 212 24.16 -5.23 17.03
CA LYS C 212 25.08 -6.35 17.27
C LYS C 212 24.41 -7.68 16.92
N LEU C 213 23.14 -7.84 17.28
CA LEU C 213 22.41 -9.10 17.05
C LEU C 213 22.17 -9.40 15.57
N ARG C 214 22.41 -8.42 14.72
CA ARG C 214 22.40 -8.65 13.27
C ARG C 214 23.44 -9.72 12.87
N GLU C 215 24.46 -9.89 13.72
CA GLU C 215 25.53 -10.86 13.46
C GLU C 215 25.21 -12.29 13.90
N ALA C 216 24.08 -12.49 14.59
CA ALA C 216 23.68 -13.81 15.05
C ALA C 216 23.19 -14.67 13.90
N ARG C 217 23.48 -15.96 13.96
CA ARG C 217 23.04 -16.91 12.94
C ARG C 217 21.53 -16.85 12.72
N ALA C 218 20.78 -16.68 13.82
CA ALA C 218 19.30 -16.58 13.79
C ALA C 218 18.76 -15.60 12.74
N ARG C 219 19.52 -14.52 12.49
CA ARG C 219 19.10 -13.45 11.56
C ARG C 219 18.89 -13.90 10.13
N LYS C 220 19.64 -14.92 9.71
CA LYS C 220 19.52 -15.48 8.37
C LYS C 220 18.06 -15.77 8.00
N TRP C 221 17.30 -16.30 8.97
CA TRP C 221 15.93 -16.78 8.69
C TRP C 221 14.85 -15.78 9.09
N ILE C 222 15.25 -14.63 9.63
CA ILE C 222 14.28 -13.69 10.17
C ILE C 222 13.81 -12.70 9.12
N ILE C 223 12.49 -12.58 9.02
CA ILE C 223 11.86 -11.65 8.11
CA ILE C 223 11.87 -11.64 8.11
C ILE C 223 11.28 -10.53 8.95
N LYS C 224 11.94 -9.37 8.90
CA LYS C 224 11.49 -8.13 9.52
C LYS C 224 10.09 -7.90 9.03
N GLU C 225 9.21 -7.58 9.95
CA GLU C 225 7.87 -7.21 9.54
C GLU C 225 7.56 -5.80 10.06
N THR C 226 6.49 -5.20 9.55
CA THR C 226 6.16 -3.85 9.96
C THR C 226 4.87 -3.93 10.70
N PRO C 227 4.62 -2.93 11.55
CA PRO C 227 5.50 -1.82 11.92
C PRO C 227 6.34 -2.09 13.17
N ILE C 228 7.50 -1.45 13.32
CA ILE C 228 8.13 -1.41 14.65
C ILE C 228 7.59 -0.22 15.45
N LEU C 229 6.94 -0.50 16.57
CA LEU C 229 6.38 0.55 17.39
C LEU C 229 7.30 0.89 18.58
N LEU C 230 7.56 2.17 18.78
CA LEU C 230 8.36 2.62 19.93
C LEU C 230 7.52 3.57 20.76
N GLY C 231 7.40 3.29 22.05
CA GLY C 231 6.54 4.06 22.94
C GLY C 231 7.23 4.55 24.21
N ARG C 232 6.64 5.57 24.80
CA ARG C 232 7.06 6.16 26.05
C ARG C 232 5.91 5.97 27.03
N LEU C 233 6.17 5.27 28.13
CA LEU C 233 5.14 4.98 29.14
C LEU C 233 4.42 6.25 29.61
N VAL C 234 3.10 6.17 29.76
CA VAL C 234 2.36 7.33 30.24
C VAL C 234 1.20 6.89 31.12
N ASP C 235 0.95 7.67 32.16
CA ASP C 235 -0.27 7.48 32.93
C ASP C 235 -1.53 7.99 32.18
N ALA C 236 -2.62 7.25 32.29
CA ALA C 236 -3.89 7.62 31.65
C ALA C 236 -4.30 9.08 31.97
N GLY C 237 -4.03 9.52 33.20
CA GLY C 237 -4.37 10.88 33.63
C GLY C 237 -3.55 12.00 32.96
N ASP C 238 -2.44 11.63 32.33
CA ASP C 238 -1.50 12.61 31.76
C ASP C 238 -1.59 12.68 30.24
N ILE C 239 -2.26 11.71 29.64
CA ILE C 239 -2.13 11.60 28.18
C ILE C 239 -2.82 12.73 27.37
N ALA C 240 -3.97 13.22 27.83
CA ALA C 240 -4.65 14.33 27.15
C ALA C 240 -3.77 15.58 27.09
N GLY C 241 -3.06 15.85 28.18
CA GLY C 241 -2.13 16.97 28.23
C GLY C 241 -0.97 16.84 27.25
N PHE C 242 -0.49 15.62 27.07
CA PHE C 242 0.62 15.37 26.14
C PHE C 242 0.14 15.47 24.71
N LEU C 243 -1.05 14.96 24.44
CA LEU C 243 -1.55 14.84 23.06
C LEU C 243 -2.12 16.11 22.45
N LEU C 244 -2.78 16.90 23.29
CA LEU C 244 -3.53 18.07 22.82
C LEU C 244 -2.82 19.37 23.14
N THR D 22 24.53 10.79 26.36
CA THR D 22 25.61 11.21 25.41
C THR D 22 25.19 11.12 23.92
N GLU D 23 24.40 10.10 23.54
CA GLU D 23 24.05 9.91 22.13
C GLU D 23 23.13 11.03 21.67
N ILE D 24 23.12 11.30 20.37
CA ILE D 24 22.26 12.37 19.85
C ILE D 24 21.15 11.72 19.02
N TYR D 25 19.88 12.03 19.35
CA TYR D 25 18.71 11.50 18.61
C TYR D 25 18.29 12.52 17.57
N THR D 26 17.68 12.04 16.50
CA THR D 26 17.12 12.96 15.51
C THR D 26 15.81 12.42 14.94
N SER D 27 14.96 13.35 14.48
CA SER D 27 13.72 12.95 13.82
CA SER D 27 13.70 12.97 13.84
C SER D 27 13.51 13.77 12.58
N VAL D 28 12.93 13.14 11.57
CA VAL D 28 12.48 13.87 10.39
C VAL D 28 10.97 13.56 10.31
N LEU D 29 10.17 14.61 10.19
CA LEU D 29 8.70 14.48 10.07
C LEU D 29 8.26 15.20 8.81
N SER D 30 7.28 14.66 8.09
CA SER D 30 6.70 15.41 6.98
C SER D 30 5.17 15.42 7.09
N TYR D 31 4.56 16.52 6.62
CA TYR D 31 3.13 16.71 6.72
C TYR D 31 2.58 17.27 5.44
N ARG D 32 1.32 16.96 5.19
CA ARG D 32 0.63 17.43 4.03
C ARG D 32 -0.67 18.07 4.48
N LEU D 33 -0.87 19.32 4.04
CA LEU D 33 -2.12 20.03 4.30
C LEU D 33 -3.33 19.28 3.71
N LEU D 34 -4.39 19.15 4.51
CA LEU D 34 -5.61 18.47 4.09
C LEU D 34 -6.25 19.13 2.88
N GLU D 35 -6.69 18.30 1.93
CA GLU D 35 -7.31 18.75 0.69
C GLU D 35 -8.81 18.89 0.91
N GLY D 36 -9.48 19.60 -0.01
CA GLY D 36 -10.94 19.74 0.05
C GLY D 36 -11.41 20.99 0.76
N LYS D 37 -10.47 21.83 1.17
CA LYS D 37 -10.78 23.08 1.88
C LYS D 37 -10.16 24.29 1.18
N ALA D 38 -10.97 25.31 0.92
CA ALA D 38 -10.40 26.57 0.44
C ALA D 38 -9.86 27.33 1.64
N TYR D 39 -8.66 27.89 1.51
CA TYR D 39 -8.05 28.68 2.58
C TYR D 39 -8.31 30.17 2.46
N SER D 40 -8.92 30.75 3.49
CA SER D 40 -9.14 32.20 3.56
C SER D 40 -7.85 32.92 3.96
N ASP D 41 -7.86 34.25 3.92
CA ASP D 41 -6.73 35.04 4.44
C ASP D 41 -6.49 34.77 5.92
N ALA D 42 -7.58 34.61 6.66
CA ALA D 42 -7.56 34.21 8.06
C ALA D 42 -6.86 32.84 8.28
N ASP D 43 -7.09 31.90 7.36
CA ASP D 43 -6.43 30.59 7.39
C ASP D 43 -4.94 30.73 7.12
N THR D 44 -4.58 31.60 6.17
CA THR D 44 -3.17 31.88 5.91
C THR D 44 -2.47 32.45 7.16
N ARG D 45 -3.08 33.46 7.77
CA ARG D 45 -2.53 34.10 8.98
C ARG D 45 -2.40 33.12 10.15
N SER D 46 -3.44 32.28 10.30
CA SER D 46 -3.45 31.21 11.31
C SER D 46 -2.29 30.23 11.08
N LEU D 47 -2.07 29.83 9.83
CA LEU D 47 -0.95 28.93 9.53
C LEU D 47 0.38 29.59 9.90
N ASP D 48 0.50 30.88 9.56
CA ASP D 48 1.74 31.61 9.80
C ASP D 48 2.04 31.68 11.30
N ARG D 49 1.00 32.00 12.07
CA ARG D 49 1.17 32.10 13.52
C ARG D 49 1.55 30.73 14.08
N MSE D 50 0.95 29.69 13.55
CA MSE D 50 1.27 28.35 14.04
C MSE D 50 2.72 27.90 13.76
O MSE D 50 3.35 27.29 14.61
CB MSE D 50 0.27 27.34 13.51
CG MSE D 50 0.53 25.95 14.06
SE MSE D 50 1.29 24.87 12.69
CE MSE D 50 -0.35 24.58 11.89
N MSE D 51 3.22 28.15 12.56
CA MSE D 51 4.61 27.80 12.21
C MSE D 51 5.63 28.62 13.00
O MSE D 51 6.64 28.09 13.47
CB MSE D 51 4.84 28.02 10.73
CG MSE D 51 4.04 27.11 9.85
SE MSE D 51 4.85 25.31 9.91
CE MSE D 51 3.58 24.48 8.75
N ARG D 52 5.36 29.92 13.16
CA ARG D 52 6.21 30.75 14.01
C ARG D 52 6.24 30.18 15.44
N SER D 53 5.09 29.78 15.97
CA SER D 53 5.03 29.21 17.31
C SER D 53 5.81 27.89 17.46
N ILE D 54 5.72 27.00 16.47
CA ILE D 54 6.53 25.78 16.46
C ILE D 54 8.01 26.14 16.54
N ASP D 55 8.42 27.10 15.72
CA ASP D 55 9.81 27.52 15.69
C ASP D 55 10.25 28.05 17.07
N GLU D 56 9.37 28.83 17.71
CA GLU D 56 9.63 29.37 19.05
CA GLU D 56 9.61 29.37 19.05
C GLU D 56 9.75 28.27 20.12
N PHE D 57 8.95 27.20 19.98
CA PHE D 57 9.02 26.03 20.88
C PHE D 57 10.43 25.43 20.88
N PHE D 58 10.97 25.22 19.68
CA PHE D 58 12.31 24.67 19.53
C PHE D 58 13.39 25.65 20.02
N SER D 59 13.23 26.93 19.71
CA SER D 59 14.25 27.91 20.08
C SER D 59 14.29 28.11 21.57
N ALA D 60 13.17 27.85 22.24
CA ALA D 60 13.06 28.13 23.66
C ALA D 60 13.75 27.11 24.55
N ASN D 61 13.97 25.90 24.03
CA ASN D 61 14.63 24.82 24.78
C ASN D 61 16.07 24.52 24.31
N PRO D 62 17.08 24.81 25.16
CA PRO D 62 18.49 24.60 24.83
C PRO D 62 18.77 23.13 24.52
N GLY D 63 17.89 22.25 24.98
CA GLY D 63 18.05 20.83 24.70
C GLY D 63 17.91 20.44 23.24
N TYR D 64 17.28 21.30 22.43
CA TYR D 64 17.22 21.05 20.98
C TYR D 64 18.46 21.60 20.31
N ILE D 65 19.24 20.67 19.75
CA ILE D 65 20.50 21.01 19.09
C ILE D 65 20.26 21.75 17.75
N ASN D 66 19.28 21.28 16.98
CA ASN D 66 18.86 21.97 15.77
C ASN D 66 17.37 21.78 15.53
N PHE D 67 16.82 22.71 14.73
CA PHE D 67 15.44 22.58 14.23
C PHE D 67 15.38 23.39 12.96
N HIS D 68 15.04 22.72 11.87
CA HIS D 68 14.93 23.38 10.56
C HIS D 68 13.63 22.95 9.87
N ILE D 69 13.06 23.86 9.09
CA ILE D 69 11.83 23.59 8.33
C ILE D 69 12.21 23.61 6.84
N TYR D 70 11.61 22.74 6.03
CA TYR D 70 11.84 22.70 4.57
C TYR D 70 10.53 22.63 3.80
N ARG D 71 10.49 23.35 2.69
CA ARG D 71 9.46 23.18 1.66
C ARG D 71 9.78 21.87 0.95
N SER D 72 8.77 21.21 0.40
CA SER D 72 8.94 19.89 -0.15
C SER D 72 8.74 19.89 -1.65
N TYR D 73 9.66 19.26 -2.37
CA TYR D 73 9.49 19.01 -3.79
C TYR D 73 8.42 17.94 -4.09
N ARG D 74 8.15 17.03 -3.16
CA ARG D 74 7.15 15.98 -3.42
C ARG D 74 5.78 16.50 -3.11
N THR D 75 4.79 16.15 -3.94
CA THR D 75 3.41 16.55 -3.63
C THR D 75 2.78 15.84 -2.39
N ASP D 76 3.36 14.72 -1.95
CA ASP D 76 2.80 14.03 -0.80
C ASP D 76 3.17 14.67 0.54
N SER D 77 3.92 15.77 0.48
CA SER D 77 4.22 16.62 1.66
C SER D 77 4.28 18.09 1.28
N ASP D 78 3.85 18.96 2.21
CA ASP D 78 4.01 20.39 2.04
C ASP D 78 5.14 20.93 2.87
N VAL D 79 5.48 20.22 3.96
CA VAL D 79 6.52 20.72 4.84
C VAL D 79 7.27 19.54 5.43
N ILE D 80 8.57 19.73 5.69
CA ILE D 80 9.41 18.73 6.36
C ILE D 80 10.07 19.43 7.54
N PHE D 81 10.09 18.75 8.69
CA PHE D 81 10.73 19.21 9.91
C PHE D 81 11.91 18.30 10.23
N TRP D 82 13.02 18.87 10.67
CA TRP D 82 14.16 18.10 11.12
C TRP D 82 14.64 18.69 12.47
N TYR D 83 14.80 17.85 13.49
CA TYR D 83 15.34 18.37 14.77
C TYR D 83 16.12 17.27 15.49
N SER D 84 16.97 17.68 16.43
CA SER D 84 17.89 16.76 17.12
C SER D 84 18.03 17.15 18.59
N SER D 85 18.29 16.16 19.46
CA SER D 85 18.49 16.38 20.89
C SER D 85 19.12 15.14 21.51
N ARG D 86 19.93 15.32 22.56
CA ARG D 86 20.42 14.18 23.33
CA ARG D 86 20.43 14.19 23.36
C ARG D 86 19.34 13.63 24.26
N ASN D 87 18.25 14.39 24.43
CA ASN D 87 17.19 14.04 25.40
C ASN D 87 16.01 13.35 24.72
N PRO D 88 15.82 12.04 24.98
CA PRO D 88 14.73 11.30 24.32
C PRO D 88 13.33 11.75 24.75
N ASP D 89 13.24 12.36 25.94
CA ASP D 89 12.01 12.99 26.45
C ASP D 89 11.70 14.24 25.66
N LEU D 90 12.71 15.03 25.34
CA LEU D 90 12.51 16.15 24.43
C LEU D 90 12.10 15.68 23.04
N MSE D 91 12.55 14.50 22.62
CA MSE D 91 12.21 14.02 21.28
C MSE D 91 10.71 13.69 21.19
O MSE D 91 10.06 14.02 20.19
CB MSE D 91 13.08 12.81 20.87
CG MSE D 91 14.59 13.14 20.71
SE MSE D 91 14.93 14.57 19.42
CE MSE D 91 14.64 13.64 17.77
N ILE D 92 10.17 13.03 22.21
CA ILE D 92 8.73 12.69 22.17
C ILE D 92 7.88 13.97 22.35
N LEU D 93 8.33 14.87 23.22
CA LEU D 93 7.63 16.17 23.40
C LEU D 93 7.57 17.00 22.12
N ALA D 94 8.66 16.99 21.37
CA ALA D 94 8.74 17.72 20.09
C ALA D 94 7.78 17.09 19.09
N LYS D 95 7.79 15.76 18.99
CA LYS D 95 6.87 15.09 18.04
C LYS D 95 5.41 15.42 18.39
N GLU D 96 5.08 15.38 19.66
CA GLU D 96 3.69 15.66 20.08
C GLU D 96 3.29 17.11 19.85
N ARG D 97 4.24 18.01 20.04
CA ARG D 97 4.02 19.42 19.82
C ARG D 97 3.71 19.71 18.34
N VAL D 98 4.57 19.22 17.46
CA VAL D 98 4.38 19.36 16.02
C VAL D 98 3.04 18.69 15.60
N GLN D 99 2.85 17.45 16.01
CA GLN D 99 1.60 16.76 15.69
C GLN D 99 0.33 17.50 16.15
N ALA D 100 0.34 18.04 17.38
CA ALA D 100 -0.85 18.72 17.95
C ALA D 100 -1.15 19.96 17.12
N SER D 101 -0.09 20.62 16.64
CA SER D 101 -0.25 21.84 15.85
C SER D 101 -0.72 21.55 14.43
N MSE D 102 -0.24 20.42 13.89
CA MSE D 102 -0.52 20.08 12.50
C MSE D 102 -1.85 19.38 12.35
O MSE D 102 -2.48 19.55 11.34
CB MSE D 102 0.56 19.17 11.90
CG MSE D 102 1.96 19.73 11.73
SE MSE D 102 2.02 21.45 10.73
CE MSE D 102 1.58 20.78 9.08
N ARG D 103 -2.27 18.57 13.34
CA ARG D 103 -3.45 17.71 13.12
C ARG D 103 -4.78 18.39 12.71
N PRO D 104 -5.08 19.62 13.20
CA PRO D 104 -6.33 20.25 12.73
C PRO D 104 -6.34 20.58 11.24
N ILE D 105 -5.17 20.67 10.61
CA ILE D 105 -5.09 21.07 9.19
C ILE D 105 -4.29 20.14 8.26
N ALA D 106 -3.68 19.10 8.81
CA ALA D 106 -2.73 18.32 8.01
C ALA D 106 -2.58 16.89 8.52
N VAL D 107 -2.04 16.02 7.68
CA VAL D 107 -1.71 14.66 8.13
C VAL D 107 -0.21 14.40 7.92
N SER D 108 0.37 13.55 8.74
CA SER D 108 1.79 13.26 8.56
C SER D 108 1.96 12.25 7.45
N SER D 109 2.94 12.50 6.60
CA SER D 109 3.26 11.55 5.53
C SER D 109 4.52 10.72 5.78
N PHE D 110 5.30 11.08 6.81
CA PHE D 110 6.50 10.31 7.16
C PHE D 110 6.97 10.70 8.55
N SER D 111 7.53 9.74 9.28
CA SER D 111 8.31 10.12 10.46
C SER D 111 9.41 9.10 10.68
N SER D 112 10.51 9.56 11.31
CA SER D 112 11.59 8.63 11.67
C SER D 112 12.15 9.11 12.99
N ILE D 113 12.73 8.19 13.75
CA ILE D 113 13.49 8.52 14.96
C ILE D 113 14.73 7.63 14.91
N SER D 114 15.88 8.24 15.08
CA SER D 114 17.12 7.50 14.87
C SER D 114 18.24 8.20 15.67
N ILE D 115 19.43 7.60 15.66
CA ILE D 115 20.53 8.06 16.50
C ILE D 115 21.73 8.32 15.62
N TYR D 116 22.35 9.50 15.72
CA TYR D 116 23.52 9.79 14.87
C TYR D 116 24.69 8.82 15.14
N ASP D 117 25.32 8.32 14.08
CA ASP D 117 26.59 7.64 14.18
C ASP D 117 27.67 8.74 14.08
N GLU D 118 28.31 9.06 15.19
CA GLU D 118 29.32 10.16 15.17
C GLU D 118 30.71 9.70 14.74
N SER D 119 30.89 8.41 14.50
CA SER D 119 32.24 7.92 14.24
CA SER D 119 32.23 7.86 14.20
C SER D 119 32.93 8.55 13.01
N PRO D 120 32.20 8.81 11.89
CA PRO D 120 32.87 9.49 10.75
C PRO D 120 33.38 10.89 11.10
N TYR D 121 32.66 11.58 11.98
CA TYR D 121 33.10 12.92 12.43
C TYR D 121 34.27 12.78 13.37
N ASN D 122 34.13 11.89 14.37
CA ASN D 122 35.21 11.67 15.34
C ASN D 122 36.52 11.26 14.67
N ALA D 123 36.41 10.48 13.60
CA ALA D 123 37.58 10.00 12.84
C ALA D 123 38.35 11.15 12.18
N MSE D 124 37.65 12.26 11.93
CA MSE D 124 38.25 13.41 11.27
CA MSE D 124 38.21 13.43 11.26
C MSE D 124 38.46 14.59 12.22
O MSE D 124 38.65 15.72 11.78
CB MSE D 124 37.40 13.91 10.13
CB MSE D 124 37.28 13.90 10.14
CG MSE D 124 36.70 12.86 9.31
CG MSE D 124 37.30 13.07 8.85
SE MSE D 124 35.89 13.73 7.78
SE MSE D 124 39.04 12.68 8.08
CE MSE D 124 35.27 15.36 8.63
CE MSE D 124 39.88 14.43 8.05
N ASN D 125 38.45 14.32 13.53
CA ASN D 125 38.61 15.36 14.57
C ASN D 125 37.54 16.45 14.45
N LYS D 126 36.33 16.02 14.14
CA LYS D 126 35.20 16.94 14.11
CA LYS D 126 35.19 16.93 14.08
C LYS D 126 34.13 16.50 15.07
N LYS D 127 33.33 17.45 15.55
CA LYS D 127 32.19 17.14 16.43
C LYS D 127 30.92 17.22 15.61
N LEU D 128 30.19 16.11 15.54
CA LEU D 128 28.94 16.06 14.79
C LEU D 128 28.01 17.20 15.23
N GLU D 129 27.95 17.44 16.53
CA GLU D 129 27.11 18.49 17.08
C GLU D 129 27.48 19.87 16.49
N ASP D 130 28.77 20.13 16.31
CA ASP D 130 29.21 21.40 15.73
C ASP D 130 28.63 21.58 14.33
N SER D 131 28.61 20.50 13.54
CA SER D 131 28.03 20.53 12.20
CA SER D 131 28.03 20.57 12.21
C SER D 131 26.54 20.84 12.28
N LEU D 132 25.85 20.19 13.22
CA LEU D 132 24.41 20.42 13.43
C LEU D 132 24.11 21.90 13.84
N ARG D 133 25.08 22.55 14.47
CA ARG D 133 24.89 23.95 14.88
C ARG D 133 25.25 24.99 13.82
N LEU D 134 25.80 24.54 12.69
CA LEU D 134 26.10 25.48 11.58
C LEU D 134 24.81 25.94 10.90
N PRO D 135 24.80 27.16 10.34
CA PRO D 135 23.60 27.55 9.60
C PRO D 135 23.35 26.56 8.46
N PRO D 136 22.10 26.11 8.30
CA PRO D 136 21.84 25.05 7.35
C PRO D 136 22.06 25.45 5.90
N LEU D 137 22.36 24.45 5.07
CA LEU D 137 22.50 24.63 3.62
C LEU D 137 21.09 24.70 3.00
N ARG D 138 21.03 25.09 1.72
CA ARG D 138 19.77 25.45 1.10
C ARG D 138 18.84 24.24 0.90
N TYR D 139 19.41 23.06 0.74
CA TYR D 139 18.62 21.84 0.50
C TYR D 139 18.92 20.75 1.53
N PHE D 140 17.98 19.82 1.64
CA PHE D 140 18.04 18.73 2.62
C PHE D 140 17.53 17.48 1.92
N VAL D 141 18.21 16.36 2.15
CA VAL D 141 17.76 15.07 1.61
C VAL D 141 17.73 14.12 2.78
N ALA D 142 16.64 13.36 2.92
CA ALA D 142 16.57 12.36 3.97
C ALA D 142 15.96 11.10 3.37
N TYR D 143 16.51 9.95 3.71
CA TYR D 143 15.74 8.74 3.42
C TYR D 143 16.11 7.58 4.32
N PRO D 144 15.15 6.67 4.53
CA PRO D 144 15.47 5.42 5.20
C PRO D 144 16.32 4.53 4.30
N MSE D 145 17.11 3.65 4.90
CA MSE D 145 17.90 2.70 4.15
C MSE D 145 18.13 1.46 5.04
O MSE D 145 18.20 1.56 6.28
CB MSE D 145 19.24 3.33 3.72
CG MSE D 145 20.04 2.41 2.85
SE MSE D 145 21.36 1.42 3.90
CE MSE D 145 22.55 2.91 4.03
N SER D 146 18.20 0.30 4.42
CA SER D 146 18.49 -0.94 5.15
C SER D 146 19.46 -1.76 4.30
N LYS D 147 20.04 -2.79 4.92
CA LYS D 147 20.92 -3.71 4.17
C LYS D 147 20.40 -5.13 4.29
N THR D 148 20.74 -5.98 3.31
CA THR D 148 20.29 -7.37 3.33
C THR D 148 20.93 -8.12 4.50
N PRO D 149 20.24 -9.16 5.05
CA PRO D 149 20.78 -9.89 6.21
C PRO D 149 22.22 -10.39 6.04
N ASP D 150 22.56 -10.86 4.84
CA ASP D 150 23.92 -11.30 4.48
C ASP D 150 25.03 -10.28 4.76
N TRP D 151 24.71 -9.00 4.62
CA TRP D 151 25.68 -7.95 4.88
C TRP D 151 26.32 -8.06 6.27
N TYR D 152 25.48 -8.25 7.32
CA TYR D 152 25.95 -8.27 8.71
C TYR D 152 26.66 -9.58 9.06
N LEU D 153 26.40 -10.61 8.26
CA LEU D 153 26.99 -11.94 8.41
C LEU D 153 28.39 -12.04 7.78
N LEU D 154 28.77 -11.00 7.04
CA LEU D 154 30.12 -10.88 6.50
C LEU D 154 31.06 -10.46 7.63
N ASP D 155 32.34 -10.83 7.51
CA ASP D 155 33.35 -10.46 8.52
C ASP D 155 33.47 -8.96 8.64
N PHE D 156 33.75 -8.49 9.86
CA PHE D 156 33.94 -7.06 10.08
C PHE D 156 34.98 -6.49 9.11
N ASP D 157 35.99 -7.32 8.78
CA ASP D 157 37.08 -6.93 7.88
C ASP D 157 36.63 -6.71 6.44
N THR D 158 35.84 -7.64 5.90
CA THR D 158 35.38 -7.51 4.52
C THR D 158 34.36 -6.38 4.36
N ARG D 159 33.50 -6.21 5.38
CA ARG D 159 32.55 -5.08 5.39
C ARG D 159 33.31 -3.76 5.41
N LYS D 160 34.33 -3.67 6.28
CA LYS D 160 35.22 -2.50 6.34
C LYS D 160 35.85 -2.15 4.99
N GLU D 161 36.26 -3.17 4.24
CA GLU D 161 36.86 -3.00 2.92
C GLU D 161 35.83 -2.49 1.91
N ILE D 162 34.66 -3.14 1.89
CA ILE D 162 33.57 -2.71 1.02
C ILE D 162 33.22 -1.25 1.33
N MSE D 163 33.08 -0.92 2.60
CA MSE D 163 32.75 0.44 3.01
C MSE D 163 33.85 1.45 2.73
O MSE D 163 33.57 2.59 2.40
CB MSE D 163 32.30 0.50 4.47
CG MSE D 163 31.01 -0.26 4.74
SE MSE D 163 29.55 0.23 3.50
CE MSE D 163 29.53 2.15 3.91
N HIS D 164 35.11 1.03 2.88
CA HIS D 164 36.21 1.94 2.57
C HIS D 164 36.18 2.38 1.12
N GLU D 165 35.88 1.43 0.21
CA GLU D 165 35.79 1.71 -1.22
C GLU D 165 34.75 2.77 -1.50
N HIS D 166 33.61 2.66 -0.81
CA HIS D 166 32.48 3.60 -0.96
C HIS D 166 32.85 4.99 -0.48
N ILE D 167 33.45 5.05 0.72
CA ILE D 167 33.85 6.30 1.37
C ILE D 167 34.91 7.03 0.52
N LYS D 168 35.94 6.29 0.09
CA LYS D 168 36.97 6.78 -0.82
C LYS D 168 36.36 7.34 -2.11
N MSE D 169 35.41 6.61 -2.68
CA MSE D 169 34.73 7.01 -3.91
C MSE D 169 33.92 8.31 -3.75
O MSE D 169 33.96 9.18 -4.63
CB MSE D 169 33.84 5.88 -4.43
CG MSE D 169 33.35 6.11 -5.84
SE MSE D 169 32.28 4.69 -6.57
CE MSE D 169 33.52 3.18 -6.45
N ALA D 170 33.19 8.44 -2.64
CA ALA D 170 32.45 9.66 -2.33
C ALA D 170 33.37 10.86 -2.14
N LEU D 171 34.43 10.67 -1.34
CA LEU D 171 35.41 11.72 -1.07
C LEU D 171 36.08 12.25 -2.34
N ASN D 172 36.29 11.38 -3.32
CA ASN D 172 37.01 11.73 -4.53
C ASN D 172 36.16 12.40 -5.62
N HIS D 173 34.83 12.41 -5.44
CA HIS D 173 33.95 13.02 -6.45
C HIS D 173 34.04 14.55 -6.40
N PRO D 174 34.13 15.20 -7.58
CA PRO D 174 34.19 16.66 -7.68
C PRO D 174 32.93 17.37 -7.14
N ASP D 175 31.75 16.85 -7.51
CA ASP D 175 30.46 17.40 -7.07
C ASP D 175 30.17 17.18 -5.56
N GLU D 176 31.09 16.53 -4.84
CA GLU D 176 30.88 16.22 -3.41
C GLU D 176 31.01 17.47 -2.56
N LYS D 177 31.61 18.50 -3.16
CA LYS D 177 32.05 19.70 -2.45
C LYS D 177 30.92 20.34 -1.69
N GLY D 178 31.11 20.49 -0.38
CA GLY D 178 30.18 21.26 0.41
C GLY D 178 28.98 20.50 0.98
N ILE D 179 28.86 19.22 0.66
CA ILE D 179 27.79 18.39 1.26
C ILE D 179 28.09 18.01 2.73
N ARG D 180 27.08 18.10 3.60
CA ARG D 180 27.23 17.61 4.97
C ARG D 180 26.43 16.35 5.08
N SER D 181 27.12 15.27 5.49
CA SER D 181 26.53 13.95 5.53
CA SER D 181 26.51 13.95 5.53
C SER D 181 26.36 13.44 6.95
N TYR D 182 25.19 12.84 7.24
CA TYR D 182 24.93 12.25 8.54
C TYR D 182 24.30 10.87 8.38
N THR D 183 24.95 9.87 8.95
CA THR D 183 24.40 8.52 9.03
C THR D 183 23.80 8.35 10.41
N THR D 184 22.57 7.84 10.45
CA THR D 184 21.89 7.65 11.72
C THR D 184 21.37 6.22 11.72
N TYR D 185 21.26 5.65 12.92
CA TYR D 185 20.83 4.26 13.04
C TYR D 185 19.53 4.12 13.81
N SER D 186 18.75 3.14 13.39
CA SER D 186 17.43 2.93 13.98
C SER D 186 17.10 1.43 14.13
N PHE D 187 18.12 0.57 14.17
CA PHE D 187 17.91 -0.87 14.51
C PHE D 187 17.02 -1.02 15.71
N GLY D 188 15.98 -1.84 15.56
CA GLY D 188 15.14 -2.20 16.71
C GLY D 188 14.12 -1.13 17.13
N ILE D 189 14.14 0.03 16.48
CA ILE D 189 13.30 1.17 16.91
C ILE D 189 12.48 1.83 15.79
N GLY D 190 12.66 1.36 14.55
CA GLY D 190 11.91 1.90 13.42
C GLY D 190 11.90 0.88 12.29
N ASP D 191 11.19 1.22 11.22
CA ASP D 191 11.00 0.30 10.08
C ASP D 191 12.21 0.24 9.12
N GLN D 192 13.28 0.93 9.46
CA GLN D 192 14.49 0.89 8.62
C GLN D 192 15.68 0.76 9.59
N GLU D 193 16.83 0.34 9.05
CA GLU D 193 18.04 0.24 9.85
C GLU D 193 18.75 1.55 10.01
N PHE D 194 18.74 2.34 8.94
CA PHE D 194 19.40 3.65 8.90
C PHE D 194 18.47 4.73 8.39
N VAL D 195 18.69 5.96 8.87
CA VAL D 195 18.12 7.11 8.17
C VAL D 195 19.31 7.98 7.79
N VAL D 196 19.52 8.19 6.49
CA VAL D 196 20.69 8.96 6.09
C VAL D 196 20.23 10.36 5.72
N LEU D 197 20.91 11.36 6.28
CA LEU D 197 20.52 12.77 6.11
C LEU D 197 21.67 13.54 5.44
N TYR D 198 21.31 14.47 4.54
CA TYR D 198 22.32 15.30 3.86
C TYR D 198 21.84 16.73 3.80
N GLU D 199 22.74 17.66 4.11
CA GLU D 199 22.53 19.05 3.76
C GLU D 199 23.35 19.28 2.49
N ILE D 200 22.71 19.80 1.45
CA ILE D 200 23.38 19.92 0.16
C ILE D 200 23.18 21.30 -0.45
N PRO D 201 24.20 21.82 -1.15
CA PRO D 201 24.03 23.10 -1.86
C PRO D 201 23.36 23.04 -3.24
N ASP D 202 23.36 21.88 -3.90
CA ASP D 202 23.01 21.80 -5.34
C ASP D 202 22.39 20.45 -5.63
N ILE D 203 21.11 20.48 -6.03
CA ILE D 203 20.33 19.26 -6.26
C ILE D 203 21.03 18.38 -7.31
N ALA D 204 21.30 18.97 -8.48
CA ALA D 204 21.88 18.21 -9.61
C ALA D 204 23.24 17.60 -9.27
N ALA D 205 24.09 18.38 -8.59
CA ALA D 205 25.41 17.91 -8.15
C ALA D 205 25.29 16.71 -7.20
N TRP D 206 24.36 16.80 -6.26
CA TRP D 206 24.12 15.70 -5.32
C TRP D 206 23.67 14.46 -6.09
N SER D 207 22.77 14.63 -7.06
CA SER D 207 22.26 13.50 -7.85
C SER D 207 23.41 12.84 -8.60
N ARG D 208 24.33 13.65 -9.12
CA ARG D 208 25.50 13.12 -9.87
C ARG D 208 26.43 12.32 -8.97
N VAL D 209 26.66 12.82 -7.76
CA VAL D 209 27.45 12.08 -6.77
C VAL D 209 26.80 10.73 -6.48
N THR D 210 25.48 10.76 -6.23
CA THR D 210 24.76 9.52 -5.95
C THR D 210 24.86 8.57 -7.14
N GLU D 211 24.74 9.11 -8.35
CA GLU D 211 24.81 8.27 -9.55
C GLU D 211 26.18 7.57 -9.64
N LYS D 212 27.24 8.34 -9.36
CA LYS D 212 28.58 7.75 -9.35
C LYS D 212 28.71 6.65 -8.29
N LEU D 213 28.14 6.87 -7.12
CA LEU D 213 28.23 5.91 -6.03
C LEU D 213 27.47 4.60 -6.28
N ARG D 214 26.64 4.57 -7.33
CA ARG D 214 26.02 3.31 -7.78
C ARG D 214 27.09 2.32 -8.22
N GLU D 215 28.30 2.84 -8.45
CA GLU D 215 29.42 2.04 -8.96
C GLU D 215 30.18 1.31 -7.84
N ALA D 216 29.83 1.63 -6.57
CA ALA D 216 30.41 0.96 -5.40
C ALA D 216 29.79 -0.41 -5.12
N ARG D 217 30.63 -1.39 -4.77
CA ARG D 217 30.20 -2.73 -4.39
C ARG D 217 29.16 -2.73 -3.26
N ALA D 218 29.26 -1.73 -2.37
CA ALA D 218 28.31 -1.56 -1.23
C ALA D 218 26.85 -1.64 -1.69
N ARG D 219 26.57 -1.15 -2.89
CA ARG D 219 25.21 -1.17 -3.46
C ARG D 219 24.55 -2.56 -3.52
N LYS D 220 25.37 -3.60 -3.62
CA LYS D 220 24.87 -4.96 -3.78
C LYS D 220 24.04 -5.38 -2.57
N TRP D 221 24.30 -4.77 -1.41
CA TRP D 221 23.61 -5.14 -0.18
C TRP D 221 22.59 -4.09 0.30
N ILE D 222 22.49 -2.97 -0.41
CA ILE D 222 21.65 -1.85 0.02
C ILE D 222 20.23 -1.98 -0.52
N ILE D 223 19.25 -1.82 0.36
CA ILE D 223 17.83 -1.87 -0.04
C ILE D 223 16.97 -0.74 0.61
N LYS D 224 15.71 -0.66 0.16
CA LYS D 224 14.62 0.10 0.80
C LYS D 224 14.87 1.61 1.07
N GLU D 225 15.49 2.27 0.10
CA GLU D 225 15.72 3.73 0.14
C GLU D 225 14.49 4.48 -0.43
N THR D 226 13.34 4.29 0.22
CA THR D 226 12.10 5.08 -0.05
C THR D 226 11.36 5.35 1.25
N PRO D 227 10.70 6.53 1.38
CA PRO D 227 10.70 7.65 0.45
C PRO D 227 12.00 8.43 0.55
N ILE D 228 12.47 9.01 -0.57
CA ILE D 228 13.52 10.01 -0.49
C ILE D 228 12.85 11.38 -0.43
N LEU D 229 13.09 12.09 0.66
CA LEU D 229 12.55 13.43 0.87
C LEU D 229 13.58 14.45 0.41
N LEU D 230 13.15 15.43 -0.39
CA LEU D 230 14.03 16.51 -0.84
C LEU D 230 13.34 17.80 -0.46
N GLY D 231 14.04 18.61 0.33
CA GLY D 231 13.50 19.84 0.87
C GLY D 231 14.33 21.08 0.54
N ARG D 232 13.66 22.22 0.54
CA ARG D 232 14.29 23.53 0.32
C ARG D 232 14.12 24.31 1.63
N LEU D 233 15.24 24.70 2.23
CA LEU D 233 15.20 25.41 3.51
C LEU D 233 14.24 26.62 3.49
N VAL D 234 13.46 26.76 4.56
CA VAL D 234 12.51 27.88 4.67
C VAL D 234 12.44 28.39 6.13
N ASP D 235 12.34 29.71 6.28
CA ASP D 235 12.14 30.27 7.61
CA ASP D 235 12.13 30.31 7.60
C ASP D 235 10.67 30.11 8.03
N ALA D 236 10.45 29.88 9.32
CA ALA D 236 9.08 29.69 9.87
C ALA D 236 8.09 30.79 9.43
N GLY D 237 8.53 32.06 9.43
CA GLY D 237 7.68 33.18 9.01
C GLY D 237 7.37 33.30 7.53
N ASP D 238 8.02 32.49 6.69
CA ASP D 238 7.85 32.58 5.23
C ASP D 238 7.02 31.42 4.67
N ILE D 239 6.88 30.35 5.45
CA ILE D 239 6.28 29.10 4.93
C ILE D 239 4.79 29.23 4.52
N ALA D 240 3.97 29.92 5.32
CA ALA D 240 2.56 30.08 4.98
C ALA D 240 2.38 30.79 3.65
N GLY D 241 3.24 31.78 3.40
CA GLY D 241 3.20 32.48 2.13
C GLY D 241 3.56 31.64 0.93
N PHE D 242 4.51 30.73 1.11
CA PHE D 242 4.87 29.79 0.06
C PHE D 242 3.78 28.74 -0.15
N LEU D 243 3.14 28.27 0.93
CA LEU D 243 2.20 27.16 0.79
C LEU D 243 0.82 27.53 0.32
N LEU D 244 0.37 28.73 0.71
CA LEU D 244 -1.00 29.16 0.47
C LEU D 244 -1.04 30.44 -0.36
N THR E 22 23.02 25.00 -15.76
CA THR E 22 23.35 24.14 -16.93
C THR E 22 22.28 23.03 -17.09
N GLU E 23 22.05 22.28 -16.00
CA GLU E 23 21.12 21.16 -16.03
C GLU E 23 19.67 21.63 -16.19
N ILE E 24 18.85 20.80 -16.78
CA ILE E 24 17.43 21.13 -16.92
C ILE E 24 16.65 20.17 -16.04
N TYR E 25 15.81 20.72 -15.17
CA TYR E 25 14.99 19.97 -14.23
C TYR E 25 13.62 19.75 -14.86
N THR E 26 12.92 18.70 -14.43
CA THR E 26 11.56 18.48 -14.92
C THR E 26 10.72 17.81 -13.85
N SER E 27 9.42 18.08 -13.89
CA SER E 27 8.50 17.48 -12.93
CA SER E 27 8.51 17.47 -12.94
C SER E 27 7.26 17.00 -13.65
N VAL E 28 6.73 15.89 -13.19
CA VAL E 28 5.42 15.40 -13.64
C VAL E 28 4.58 15.27 -12.36
N LEU E 29 3.40 15.91 -12.37
CA LEU E 29 2.49 15.91 -11.24
C LEU E 29 1.15 15.39 -11.72
N SER E 30 0.48 14.61 -10.90
CA SER E 30 -0.88 14.19 -11.28
C SER E 30 -1.85 14.39 -10.13
N TYR E 31 -3.10 14.69 -10.45
CA TYR E 31 -4.09 15.00 -9.43
C TYR E 31 -5.41 14.34 -9.77
N ARG E 32 -6.14 13.96 -8.72
CA ARG E 32 -7.49 13.40 -8.83
C ARG E 32 -8.46 14.36 -8.14
N LEU E 33 -9.50 14.79 -8.85
CA LEU E 33 -10.56 15.57 -8.20
C LEU E 33 -11.25 14.76 -7.11
N LEU E 34 -11.48 15.40 -5.97
CA LEU E 34 -12.11 14.71 -4.82
C LEU E 34 -13.55 14.30 -5.12
N GLU E 35 -13.94 13.16 -4.60
CA GLU E 35 -15.24 12.58 -4.83
C GLU E 35 -16.19 13.02 -3.73
N GLY E 36 -17.49 12.84 -3.95
CA GLY E 36 -18.48 13.09 -2.89
C GLY E 36 -19.18 14.42 -2.99
N LYS E 37 -18.88 15.17 -4.05
CA LYS E 37 -19.57 16.44 -4.27
C LYS E 37 -20.03 16.63 -5.71
N ALA E 38 -21.25 17.11 -5.88
CA ALA E 38 -21.71 17.53 -7.20
C ALA E 38 -21.09 18.90 -7.49
N TYR E 39 -20.56 19.07 -8.70
CA TYR E 39 -20.02 20.35 -9.12
C TYR E 39 -21.12 21.18 -9.75
N SER E 40 -21.33 22.38 -9.22
CA SER E 40 -22.28 23.30 -9.83
C SER E 40 -21.68 23.95 -11.09
N ASP E 41 -22.52 24.71 -11.79
CA ASP E 41 -22.05 25.57 -12.89
C ASP E 41 -20.97 26.51 -12.37
N ALA E 42 -21.18 27.10 -11.19
CA ALA E 42 -20.18 27.92 -10.52
C ALA E 42 -18.86 27.16 -10.31
N ASP E 43 -18.96 25.90 -9.89
CA ASP E 43 -17.73 25.10 -9.65
C ASP E 43 -16.99 24.81 -10.95
N THR E 44 -17.74 24.59 -12.03
CA THR E 44 -17.17 24.43 -13.37
C THR E 44 -16.42 25.68 -13.83
N ARG E 45 -17.06 26.84 -13.67
CA ARG E 45 -16.43 28.11 -14.01
C ARG E 45 -15.15 28.31 -13.19
N SER E 46 -15.22 27.95 -11.90
CA SER E 46 -14.10 28.11 -10.99
C SER E 46 -12.91 27.26 -11.44
N LEU E 47 -13.20 26.03 -11.87
CA LEU E 47 -12.14 25.12 -12.29
C LEU E 47 -11.49 25.64 -13.57
N ASP E 48 -12.32 26.06 -14.52
CA ASP E 48 -11.81 26.64 -15.75
C ASP E 48 -10.88 27.84 -15.46
N ARG E 49 -11.32 28.74 -14.58
CA ARG E 49 -10.55 29.94 -14.18
C ARG E 49 -9.20 29.58 -13.54
N MSE E 50 -9.26 28.57 -12.67
CA MSE E 50 -8.07 28.10 -11.96
C MSE E 50 -7.05 27.48 -12.92
O MSE E 50 -5.86 27.77 -12.82
CB MSE E 50 -8.45 27.15 -10.83
CG MSE E 50 -7.25 26.60 -10.08
SE MSE E 50 -6.81 24.83 -10.71
CE MSE E 50 -8.08 24.11 -9.51
N MSE E 51 -7.53 26.65 -13.85
CA MSE E 51 -6.64 26.06 -14.87
C MSE E 51 -6.00 27.10 -15.78
O MSE E 51 -4.80 27.06 -16.09
CB MSE E 51 -7.38 25.01 -15.69
CG MSE E 51 -7.72 23.80 -14.90
SE MSE E 51 -6.12 22.68 -14.56
CE MSE E 51 -7.05 21.23 -13.65
N ARG E 52 -6.82 28.06 -16.22
CA ARG E 52 -6.34 29.16 -17.03
C ARG E 52 -5.26 29.97 -16.30
N SER E 53 -5.49 30.22 -15.02
CA SER E 53 -4.55 30.95 -14.18
C SER E 53 -3.21 30.21 -13.95
N ILE E 54 -3.27 28.90 -13.74
CA ILE E 54 -2.04 28.09 -13.70
C ILE E 54 -1.28 28.24 -15.01
N ASP E 55 -1.97 28.08 -16.13
CA ASP E 55 -1.33 28.17 -17.42
C ASP E 55 -0.66 29.54 -17.58
N GLU E 56 -1.34 30.62 -17.16
CA GLU E 56 -0.77 31.98 -17.29
C GLU E 56 0.48 32.16 -16.40
N PHE E 57 0.46 31.53 -15.22
CA PHE E 57 1.66 31.42 -14.35
C PHE E 57 2.87 30.86 -15.10
N PHE E 58 2.70 29.76 -15.82
CA PHE E 58 3.84 29.15 -16.54
C PHE E 58 4.24 29.99 -17.77
N SER E 59 3.24 30.50 -18.48
CA SER E 59 3.50 31.31 -19.70
C SER E 59 4.16 32.65 -19.41
N ALA E 60 3.87 33.21 -18.24
CA ALA E 60 4.37 34.54 -17.90
C ALA E 60 5.86 34.53 -17.59
N ASN E 61 6.37 33.35 -17.21
CA ASN E 61 7.80 33.20 -16.86
C ASN E 61 8.58 32.38 -17.89
N PRO E 62 9.50 33.06 -18.63
CA PRO E 62 10.31 32.45 -19.69
C PRO E 62 11.29 31.42 -19.11
N GLY E 63 11.54 31.52 -17.80
CA GLY E 63 12.29 30.50 -17.08
C GLY E 63 11.68 29.10 -17.12
N TYR E 64 10.39 28.99 -17.41
CA TYR E 64 9.76 27.68 -17.66
C TYR E 64 9.87 27.35 -19.14
N ILE E 65 10.70 26.36 -19.43
CA ILE E 65 10.97 25.93 -20.79
C ILE E 65 9.76 25.29 -21.47
N ASN E 66 9.03 24.46 -20.73
CA ASN E 66 7.75 23.92 -21.23
C ASN E 66 6.74 23.77 -20.12
N PHE E 67 5.47 23.72 -20.47
CA PHE E 67 4.39 23.37 -19.53
C PHE E 67 3.22 22.84 -20.34
N HIS E 68 2.81 21.58 -20.06
CA HIS E 68 1.70 20.99 -20.77
C HIS E 68 0.77 20.31 -19.79
N ILE E 69 -0.50 20.31 -20.12
CA ILE E 69 -1.56 19.68 -19.32
C ILE E 69 -2.12 18.50 -20.11
N TYR E 70 -2.42 17.41 -19.41
CA TYR E 70 -2.98 16.21 -20.05
C TYR E 70 -4.18 15.69 -19.29
N ARG E 71 -5.18 15.24 -20.03
CA ARG E 71 -6.26 14.43 -19.47
C ARG E 71 -5.68 13.04 -19.20
N SER E 72 -6.22 12.34 -18.21
CA SER E 72 -5.62 11.09 -17.72
C SER E 72 -6.47 9.88 -18.12
N TYR E 73 -5.83 8.88 -18.72
CA TYR E 73 -6.56 7.63 -19.02
C TYR E 73 -6.83 6.82 -17.75
N ARG E 74 -5.97 6.94 -16.75
CA ARG E 74 -6.17 6.22 -15.48
C ARG E 74 -7.26 6.86 -14.62
N THR E 75 -8.08 6.06 -13.96
CA THR E 75 -9.11 6.66 -13.10
C THR E 75 -8.52 7.21 -11.80
N ASP E 76 -7.28 6.85 -11.44
CA ASP E 76 -6.74 7.43 -10.21
C ASP E 76 -6.18 8.85 -10.37
N SER E 77 -6.29 9.40 -11.58
CA SER E 77 -6.01 10.83 -11.84
C SER E 77 -7.05 11.44 -12.79
N ASP E 78 -7.18 12.75 -12.76
CA ASP E 78 -8.00 13.43 -13.76
C ASP E 78 -7.15 14.36 -14.59
N VAL E 79 -5.96 14.73 -14.10
CA VAL E 79 -5.10 15.67 -14.84
C VAL E 79 -3.62 15.37 -14.54
N ILE E 80 -2.81 15.57 -15.54
CA ILE E 80 -1.35 15.44 -15.46
C ILE E 80 -0.75 16.79 -15.90
N PHE E 81 0.24 17.25 -15.12
CA PHE E 81 1.04 18.42 -15.48
C PHE E 81 2.50 18.03 -15.72
N TRP E 82 3.13 18.66 -16.70
CA TRP E 82 4.54 18.38 -17.04
C TRP E 82 5.20 19.73 -17.30
N TYR E 83 6.27 20.04 -16.56
CA TYR E 83 6.98 21.32 -16.82
C TYR E 83 8.46 21.20 -16.54
N SER E 84 9.24 22.11 -17.11
CA SER E 84 10.71 22.04 -17.07
C SER E 84 11.30 23.42 -16.88
N SER E 85 12.46 23.45 -16.20
CA SER E 85 13.21 24.68 -16.01
C SER E 85 14.64 24.35 -15.67
N ARG E 86 15.55 25.26 -16.00
CA ARG E 86 16.91 25.16 -15.48
C ARG E 86 17.01 25.60 -14.02
N ASN E 87 15.98 26.30 -13.54
CA ASN E 87 16.02 26.97 -12.24
C ASN E 87 15.27 26.16 -11.15
N PRO E 88 16.01 25.57 -10.19
CA PRO E 88 15.35 24.74 -9.16
C PRO E 88 14.41 25.54 -8.23
N ASP E 89 14.62 26.85 -8.14
CA ASP E 89 13.76 27.76 -7.41
C ASP E 89 12.41 27.86 -8.12
N LEU E 90 12.45 28.05 -9.43
CA LEU E 90 11.24 27.97 -10.26
C LEU E 90 10.51 26.63 -10.13
N MSE E 91 11.27 25.55 -9.95
CA MSE E 91 10.65 24.21 -9.82
C MSE E 91 9.86 24.07 -8.50
O MSE E 91 8.74 23.55 -8.51
CB MSE E 91 11.72 23.11 -9.92
CG MSE E 91 12.41 23.03 -11.27
SE MSE E 91 11.18 22.83 -12.81
CE MSE E 91 10.67 20.98 -12.57
N ILE E 92 10.42 24.54 -7.39
CA ILE E 92 9.70 24.43 -6.11
C ILE E 92 8.52 25.41 -6.10
N LEU E 93 8.72 26.60 -6.64
CA LEU E 93 7.59 27.55 -6.78
C LEU E 93 6.47 27.01 -7.66
N ALA E 94 6.83 26.30 -8.75
CA ALA E 94 5.79 25.73 -9.64
C ALA E 94 5.00 24.63 -8.93
N LYS E 95 5.70 23.76 -8.21
CA LYS E 95 5.04 22.68 -7.48
C LYS E 95 4.07 23.29 -6.44
N GLU E 96 4.54 24.30 -5.72
CA GLU E 96 3.74 24.92 -4.66
C GLU E 96 2.55 25.64 -5.24
N ARG E 97 2.75 26.27 -6.41
CA ARG E 97 1.65 26.98 -7.07
C ARG E 97 0.56 26.01 -7.53
N VAL E 98 0.96 24.92 -8.17
CA VAL E 98 0.03 23.91 -8.67
C VAL E 98 -0.69 23.25 -7.46
N GLN E 99 0.08 22.88 -6.43
CA GLN E 99 -0.54 22.25 -5.25
C GLN E 99 -1.54 23.20 -4.57
N ALA E 100 -1.17 24.48 -4.45
CA ALA E 100 -2.07 25.42 -3.77
C ALA E 100 -3.39 25.60 -4.55
N SER E 101 -3.30 25.54 -5.88
CA SER E 101 -4.46 25.69 -6.76
C SER E 101 -5.38 24.45 -6.75
N MSE E 102 -4.77 23.27 -6.66
CA MSE E 102 -5.51 21.99 -6.74
C MSE E 102 -6.05 21.55 -5.38
O MSE E 102 -7.08 20.90 -5.32
CB MSE E 102 -4.61 20.86 -7.24
CG MSE E 102 -4.00 21.05 -8.61
SE MSE E 102 -5.39 21.25 -9.98
CE MSE E 102 -6.24 19.56 -9.85
N ARG E 103 -5.38 21.89 -4.29
CA ARG E 103 -5.75 21.27 -3.01
C ARG E 103 -7.20 21.52 -2.51
N PRO E 104 -7.82 22.69 -2.80
CA PRO E 104 -9.23 22.83 -2.39
C PRO E 104 -10.19 21.83 -3.03
N ILE E 105 -9.78 21.24 -4.15
CA ILE E 105 -10.66 20.38 -4.93
C ILE E 105 -10.08 19.00 -5.32
N ALA E 106 -8.83 18.74 -4.98
CA ALA E 106 -8.11 17.59 -5.54
C ALA E 106 -6.97 17.15 -4.65
N VAL E 107 -6.53 15.90 -4.84
CA VAL E 107 -5.36 15.40 -4.14
C VAL E 107 -4.36 14.90 -5.18
N SER E 108 -3.08 15.06 -4.89
CA SER E 108 -2.07 14.56 -5.82
C SER E 108 -1.96 13.05 -5.78
N SER E 109 -1.80 12.43 -6.94
CA SER E 109 -1.64 10.97 -7.01
C SER E 109 -0.22 10.55 -7.42
N PHE E 110 0.62 11.51 -7.78
CA PHE E 110 2.00 11.24 -8.22
C PHE E 110 2.76 12.56 -8.30
N SER E 111 4.06 12.52 -7.97
CA SER E 111 4.94 13.61 -8.34
C SER E 111 6.33 13.05 -8.54
N SER E 112 7.10 13.72 -9.39
CA SER E 112 8.50 13.40 -9.59
C SER E 112 9.28 14.69 -9.84
N ILE E 113 10.54 14.69 -9.43
CA ILE E 113 11.48 15.74 -9.79
C ILE E 113 12.73 15.01 -10.30
N SER E 114 13.24 15.45 -11.44
CA SER E 114 14.37 14.78 -12.08
C SER E 114 15.04 15.70 -13.06
N ILE E 115 16.12 15.22 -13.68
CA ILE E 115 17.04 16.06 -14.47
C ILE E 115 17.24 15.40 -15.84
N TYR E 116 17.02 16.13 -16.91
CA TYR E 116 17.21 15.58 -18.26
C TYR E 116 18.64 15.11 -18.48
N ASP E 117 18.77 13.96 -19.13
CA ASP E 117 20.06 13.52 -19.67
C ASP E 117 20.15 14.01 -21.12
N GLU E 118 21.11 14.89 -21.36
CA GLU E 118 21.20 15.60 -22.62
C GLU E 118 22.12 14.91 -23.64
N SER E 119 22.85 13.90 -23.18
CA SER E 119 23.82 13.22 -24.04
C SER E 119 23.24 12.48 -25.28
N PRO E 120 22.13 11.72 -25.11
CA PRO E 120 21.49 11.07 -26.27
C PRO E 120 21.20 12.05 -27.41
N TYR E 121 20.83 13.27 -27.03
CA TYR E 121 20.63 14.37 -27.98
C TYR E 121 21.95 14.85 -28.56
N ASN E 122 22.94 15.14 -27.70
CA ASN E 122 24.28 15.53 -28.15
C ASN E 122 24.93 14.52 -29.11
N ALA E 123 24.67 13.23 -28.86
CA ALA E 123 25.17 12.13 -29.70
C ALA E 123 24.61 12.20 -31.12
N MSE E 124 23.42 12.79 -31.25
CA MSE E 124 22.81 13.04 -32.56
C MSE E 124 22.89 14.54 -32.91
O MSE E 124 22.05 15.06 -33.67
CB MSE E 124 21.37 12.50 -32.60
CG MSE E 124 21.32 10.97 -32.69
SE MSE E 124 19.60 10.15 -32.26
CE MSE E 124 20.11 8.26 -32.45
N ASN E 125 23.92 15.21 -32.38
CA ASN E 125 24.27 16.61 -32.67
C ASN E 125 23.15 17.65 -32.49
N LYS E 126 22.16 17.33 -31.66
CA LYS E 126 20.97 18.15 -31.46
C LYS E 126 20.80 18.60 -30.00
N LYS E 127 20.08 19.72 -29.78
CA LYS E 127 19.85 20.25 -28.42
C LYS E 127 18.51 19.79 -27.81
N LEU E 128 18.55 19.37 -26.55
CA LEU E 128 17.36 18.86 -25.88
C LEU E 128 16.34 19.99 -25.65
N GLU E 129 16.83 21.16 -25.28
CA GLU E 129 15.96 22.31 -25.05
C GLU E 129 15.10 22.66 -26.27
N ASP E 130 15.73 22.67 -27.45
CA ASP E 130 15.00 22.80 -28.72
C ASP E 130 13.82 21.85 -28.81
N SER E 131 14.05 20.59 -28.47
CA SER E 131 13.02 19.56 -28.52
C SER E 131 11.86 19.86 -27.58
N LEU E 132 12.16 20.29 -26.36
CA LEU E 132 11.12 20.67 -25.37
C LEU E 132 10.29 21.85 -25.87
N ARG E 133 10.82 22.58 -26.85
CA ARG E 133 10.09 23.73 -27.40
C ARG E 133 9.21 23.37 -28.60
N LEU E 134 9.36 22.16 -29.13
CA LEU E 134 8.50 21.76 -30.25
C LEU E 134 7.03 21.71 -29.82
N PRO E 135 6.09 21.83 -30.79
CA PRO E 135 4.67 21.74 -30.41
C PRO E 135 4.43 20.35 -29.83
N PRO E 136 3.66 20.26 -28.72
CA PRO E 136 3.51 18.96 -28.05
C PRO E 136 2.73 17.96 -28.90
N LEU E 137 3.06 16.68 -28.77
CA LEU E 137 2.28 15.65 -29.44
C LEU E 137 1.00 15.36 -28.65
N ARG E 138 0.08 14.62 -29.27
CA ARG E 138 -1.24 14.39 -28.71
C ARG E 138 -1.26 13.54 -27.43
N TYR E 139 -0.33 12.60 -27.31
CA TYR E 139 -0.33 11.68 -26.17
C TYR E 139 1.02 11.73 -25.47
N PHE E 140 1.00 11.32 -24.21
CA PHE E 140 2.12 11.47 -23.31
C PHE E 140 2.20 10.24 -22.43
N VAL E 141 3.41 9.72 -22.23
CA VAL E 141 3.61 8.62 -21.27
C VAL E 141 4.72 9.03 -20.30
N ALA E 142 4.53 8.76 -19.02
CA ALA E 142 5.60 8.92 -18.06
C ALA E 142 5.59 7.73 -17.11
N TYR E 143 6.75 7.29 -16.70
CA TYR E 143 6.78 6.36 -15.55
C TYR E 143 8.14 6.34 -14.93
N PRO E 144 8.19 6.00 -13.64
CA PRO E 144 9.46 5.79 -13.04
C PRO E 144 10.05 4.44 -13.47
N MSE E 145 11.36 4.36 -13.36
CA MSE E 145 12.08 3.13 -13.65
CA MSE E 145 12.11 3.16 -13.70
C MSE E 145 13.38 3.14 -12.88
O MSE E 145 13.96 4.20 -12.60
CB MSE E 145 12.33 3.00 -15.15
CB MSE E 145 12.42 3.19 -15.19
CG MSE E 145 12.97 1.69 -15.55
CG MSE E 145 13.09 1.99 -15.76
SE MSE E 145 14.90 1.87 -15.73
SE MSE E 145 13.63 2.44 -17.57
CE MSE E 145 15.02 2.72 -17.48
CE MSE E 145 15.16 3.57 -17.19
N SER E 146 13.82 1.95 -12.48
CA SER E 146 15.10 1.78 -11.83
C SER E 146 15.75 0.51 -12.41
N LYS E 147 17.00 0.27 -12.03
CA LYS E 147 17.75 -0.88 -12.51
C LYS E 147 18.34 -1.59 -11.30
N THR E 148 18.56 -2.90 -11.45
CA THR E 148 19.14 -3.69 -10.39
C THR E 148 20.60 -3.24 -10.11
N PRO E 149 21.06 -3.38 -8.86
CA PRO E 149 22.43 -2.96 -8.52
C PRO E 149 23.51 -3.51 -9.45
N ASP E 150 23.30 -4.73 -9.95
CA ASP E 150 24.28 -5.41 -10.82
C ASP E 150 24.59 -4.60 -12.09
N TRP E 151 23.60 -3.85 -12.55
CA TRP E 151 23.73 -3.08 -13.78
C TRP E 151 24.89 -2.09 -13.73
N TYR E 152 24.90 -1.27 -12.68
CA TYR E 152 25.91 -0.21 -12.50
C TYR E 152 27.31 -0.75 -12.26
N LEU E 153 27.39 -2.04 -11.94
CA LEU E 153 28.65 -2.69 -11.66
C LEU E 153 29.26 -3.31 -12.92
N LEU E 154 28.47 -3.40 -13.99
CA LEU E 154 29.00 -3.81 -15.30
C LEU E 154 29.91 -2.70 -15.84
N ASP E 155 30.89 -3.10 -16.64
CA ASP E 155 31.82 -2.16 -17.27
C ASP E 155 31.07 -1.17 -18.15
N PHE E 156 31.64 0.03 -18.29
CA PHE E 156 30.97 1.12 -19.01
C PHE E 156 30.71 0.72 -20.49
N ASP E 157 31.66 -0.01 -21.09
CA ASP E 157 31.53 -0.46 -22.47
C ASP E 157 30.49 -1.58 -22.66
N THR E 158 30.30 -2.39 -21.63
CA THR E 158 29.23 -3.40 -21.63
C THR E 158 27.85 -2.75 -21.66
N ARG E 159 27.67 -1.74 -20.81
CA ARG E 159 26.42 -0.99 -20.73
C ARG E 159 26.13 -0.24 -22.05
N LYS E 160 27.16 0.34 -22.65
CA LYS E 160 27.02 0.97 -23.97
C LYS E 160 26.52 0.00 -25.04
N GLU E 161 27.07 -1.22 -25.05
CA GLU E 161 26.66 -2.25 -26.01
C GLU E 161 25.19 -2.64 -25.82
N ILE E 162 24.82 -2.89 -24.58
CA ILE E 162 23.45 -3.27 -24.23
C ILE E 162 22.47 -2.16 -24.58
N MSE E 163 22.84 -0.92 -24.24
CA MSE E 163 21.98 0.24 -24.53
C MSE E 163 21.90 0.52 -26.03
O MSE E 163 20.85 0.95 -26.53
CB MSE E 163 22.43 1.49 -23.76
CG MSE E 163 22.14 1.46 -22.25
SE MSE E 163 20.33 0.85 -21.82
CE MSE E 163 20.63 -0.97 -21.35
N HIS E 164 22.99 0.27 -26.77
CA HIS E 164 22.97 0.37 -28.22
C HIS E 164 21.95 -0.59 -28.85
N GLU E 165 21.98 -1.85 -28.43
CA GLU E 165 20.99 -2.82 -28.92
C GLU E 165 19.57 -2.31 -28.70
N HIS E 166 19.31 -1.80 -27.50
CA HIS E 166 18.00 -1.28 -27.12
C HIS E 166 17.58 -0.08 -27.98
N ILE E 167 18.42 0.95 -28.03
CA ILE E 167 18.15 2.17 -28.83
C ILE E 167 17.94 1.87 -30.33
N LYS E 168 18.77 0.98 -30.88
CA LYS E 168 18.66 0.60 -32.29
C LYS E 168 17.39 -0.19 -32.58
N MSE E 169 17.03 -1.10 -31.67
CA MSE E 169 15.80 -1.87 -31.77
C MSE E 169 14.58 -0.95 -31.80
O MSE E 169 13.64 -1.18 -32.57
CB MSE E 169 15.68 -2.85 -30.61
CG MSE E 169 14.56 -3.88 -30.78
SE MSE E 169 14.56 -5.31 -29.44
CE MSE E 169 16.47 -5.60 -29.37
N ALA E 170 14.61 0.11 -31.00
CA ALA E 170 13.53 1.10 -30.99
C ALA E 170 13.47 1.84 -32.33
N LEU E 171 14.61 2.38 -32.75
CA LEU E 171 14.75 3.18 -33.97
C LEU E 171 14.27 2.46 -35.25
N ASN E 172 14.48 1.14 -35.32
CA ASN E 172 14.12 0.36 -36.51
C ASN E 172 12.69 -0.21 -36.48
N HIS E 173 12.00 -0.03 -35.36
CA HIS E 173 10.62 -0.51 -35.26
C HIS E 173 9.69 0.28 -36.18
N PRO E 174 8.83 -0.42 -36.95
CA PRO E 174 7.88 0.23 -37.86
C PRO E 174 6.96 1.25 -37.14
N ASP E 175 6.60 0.93 -35.91
CA ASP E 175 5.68 1.73 -35.11
C ASP E 175 6.34 2.87 -34.34
N GLU E 176 7.64 3.07 -34.54
CA GLU E 176 8.37 4.07 -33.76
C GLU E 176 8.18 5.50 -34.26
N LYS E 177 7.66 5.66 -35.48
CA LYS E 177 7.52 6.97 -36.11
C LYS E 177 7.00 8.07 -35.19
N GLY E 178 7.75 9.16 -35.10
CA GLY E 178 7.27 10.37 -34.44
C GLY E 178 7.49 10.43 -32.93
N ILE E 179 7.86 9.31 -32.32
CA ILE E 179 8.03 9.26 -30.86
C ILE E 179 9.20 10.16 -30.41
N ARG E 180 8.95 10.97 -29.37
CA ARG E 180 10.02 11.73 -28.76
C ARG E 180 10.24 11.20 -27.36
N SER E 181 11.46 10.79 -27.03
CA SER E 181 11.73 10.26 -25.69
C SER E 181 12.74 11.07 -24.95
N TYR E 182 12.54 11.15 -23.63
CA TYR E 182 13.48 11.84 -22.77
C TYR E 182 13.77 10.95 -21.57
N THR E 183 15.04 10.60 -21.40
CA THR E 183 15.46 9.88 -20.19
C THR E 183 15.89 10.92 -19.17
N THR E 184 15.25 10.89 -18.01
CA THR E 184 15.61 11.80 -16.94
C THR E 184 16.06 11.03 -15.70
N TYR E 185 16.99 11.62 -14.94
CA TYR E 185 17.52 10.90 -13.78
C TYR E 185 17.20 11.58 -12.46
N SER E 186 17.07 10.73 -11.44
CA SER E 186 16.66 11.19 -10.14
C SER E 186 17.38 10.40 -9.04
N PHE E 187 18.62 9.93 -9.30
CA PHE E 187 19.41 9.30 -8.23
C PHE E 187 19.47 10.24 -7.01
N GLY E 188 19.20 9.71 -5.83
CA GLY E 188 19.33 10.46 -4.57
C GLY E 188 18.31 11.55 -4.32
N ILE E 189 17.34 11.73 -5.23
CA ILE E 189 16.39 12.83 -5.12
C ILE E 189 14.93 12.44 -5.29
N GLY E 190 14.68 11.14 -5.46
CA GLY E 190 13.31 10.63 -5.53
C GLY E 190 13.32 9.11 -5.37
N ASP E 191 12.12 8.53 -5.43
CA ASP E 191 11.93 7.10 -5.13
C ASP E 191 12.29 6.20 -6.31
N GLN E 192 12.80 6.79 -7.37
CA GLN E 192 13.20 5.98 -8.53
C GLN E 192 14.48 6.54 -9.09
N GLU E 193 15.19 5.76 -9.91
CA GLU E 193 16.45 6.22 -10.49
C GLU E 193 16.21 7.06 -11.74
N PHE E 194 15.19 6.69 -12.52
CA PHE E 194 14.87 7.41 -13.75
C PHE E 194 13.39 7.73 -13.87
N VAL E 195 13.09 8.85 -14.55
CA VAL E 195 11.71 9.08 -14.99
C VAL E 195 11.79 9.20 -16.51
N VAL E 196 11.14 8.28 -17.20
CA VAL E 196 11.25 8.27 -18.65
C VAL E 196 9.95 8.84 -19.19
N LEU E 197 10.08 9.83 -20.07
CA LEU E 197 8.96 10.61 -20.59
C LEU E 197 8.91 10.42 -22.09
N TYR E 198 7.70 10.32 -22.63
CA TYR E 198 7.57 10.15 -24.07
C TYR E 198 6.41 10.96 -24.58
N GLU E 199 6.62 11.65 -25.69
CA GLU E 199 5.51 12.23 -26.43
C GLU E 199 5.28 11.28 -27.61
N ILE E 200 4.03 10.84 -27.76
CA ILE E 200 3.74 9.85 -28.79
C ILE E 200 2.53 10.26 -29.61
N PRO E 201 2.56 10.01 -30.92
CA PRO E 201 1.40 10.29 -31.76
C PRO E 201 0.37 9.16 -31.69
N ASP E 202 0.75 7.97 -31.23
CA ASP E 202 -0.19 6.83 -31.25
C ASP E 202 0.03 5.78 -30.18
N ILE E 203 -0.99 5.61 -29.34
CA ILE E 203 -0.86 4.78 -28.14
C ILE E 203 -0.53 3.32 -28.49
N ALA E 204 -1.33 2.71 -29.37
CA ALA E 204 -1.13 1.30 -29.74
C ALA E 204 0.24 1.07 -30.40
N ALA E 205 0.64 1.99 -31.29
CA ALA E 205 1.97 1.95 -31.92
C ALA E 205 3.07 1.91 -30.85
N TRP E 206 3.01 2.84 -29.89
CA TRP E 206 3.98 2.84 -28.78
C TRP E 206 3.95 1.52 -27.99
N SER E 207 2.75 0.97 -27.76
CA SER E 207 2.64 -0.28 -26.97
C SER E 207 3.34 -1.44 -27.71
N ARG E 208 3.14 -1.49 -29.03
CA ARG E 208 3.79 -2.46 -29.87
C ARG E 208 5.33 -2.30 -29.87
N VAL E 209 5.82 -1.07 -29.90
CA VAL E 209 7.25 -0.82 -29.79
C VAL E 209 7.77 -1.34 -28.44
N THR E 210 7.06 -1.01 -27.36
CA THR E 210 7.48 -1.47 -26.03
C THR E 210 7.49 -3.00 -25.93
N GLU E 211 6.48 -3.65 -26.53
CA GLU E 211 6.41 -5.11 -26.50
C GLU E 211 7.65 -5.75 -27.16
N LYS E 212 8.05 -5.19 -28.29
CA LYS E 212 9.25 -5.68 -28.98
C LYS E 212 10.50 -5.44 -28.13
N LEU E 213 10.62 -4.27 -27.52
CA LEU E 213 11.77 -3.98 -26.68
C LEU E 213 11.89 -4.88 -25.43
N ARG E 214 10.85 -5.68 -25.14
CA ARG E 214 10.95 -6.70 -24.08
C ARG E 214 11.99 -7.76 -24.44
N GLU E 215 12.33 -7.84 -25.72
CA GLU E 215 13.30 -8.81 -26.20
C GLU E 215 14.73 -8.28 -26.12
N ALA E 216 14.88 -7.01 -25.76
CA ALA E 216 16.21 -6.42 -25.62
C ALA E 216 16.87 -6.89 -24.34
N ARG E 217 18.19 -7.12 -24.40
CA ARG E 217 18.98 -7.57 -23.23
C ARG E 217 18.84 -6.65 -22.04
N ALA E 218 18.62 -5.37 -22.33
CA ALA E 218 18.50 -4.33 -21.30
C ALA E 218 17.47 -4.67 -20.21
N ARG E 219 16.40 -5.34 -20.63
CA ARG E 219 15.28 -5.73 -19.74
C ARG E 219 15.70 -6.55 -18.53
N LYS E 220 16.81 -7.28 -18.67
CA LYS E 220 17.29 -8.13 -17.59
C LYS E 220 17.49 -7.31 -16.33
N TRP E 221 17.94 -6.07 -16.46
CA TRP E 221 18.28 -5.25 -15.31
C TRP E 221 17.23 -4.20 -14.97
N ILE E 222 16.14 -4.12 -15.74
CA ILE E 222 15.12 -3.09 -15.50
C ILE E 222 14.03 -3.57 -14.53
N ILE E 223 13.70 -2.71 -13.56
CA ILE E 223 12.60 -2.92 -12.61
C ILE E 223 11.71 -1.66 -12.39
N LYS E 224 10.63 -1.85 -11.62
CA LYS E 224 9.80 -0.80 -10.98
C LYS E 224 9.13 0.26 -11.89
N GLU E 225 8.64 -0.18 -13.04
CA GLU E 225 7.95 0.70 -13.99
C GLU E 225 6.45 0.85 -13.64
N THR E 226 6.20 1.46 -12.49
CA THR E 226 4.83 1.72 -11.98
C THR E 226 4.91 2.96 -11.09
N PRO E 227 3.92 3.90 -11.17
CA PRO E 227 2.77 3.85 -12.08
C PRO E 227 3.16 4.34 -13.48
N ILE E 228 2.55 3.75 -14.51
CA ILE E 228 2.72 4.30 -15.84
C ILE E 228 1.57 5.24 -16.09
N LEU E 229 1.88 6.52 -16.30
CA LEU E 229 0.86 7.52 -16.58
CA LEU E 229 0.87 7.53 -16.57
C LEU E 229 0.69 7.67 -18.08
N LEU E 230 -0.57 7.73 -18.50
CA LEU E 230 -0.88 7.92 -19.92
C LEU E 230 -1.83 9.11 -20.05
N GLY E 231 -1.46 10.07 -20.88
CA GLY E 231 -2.22 11.32 -20.99
C GLY E 231 -2.60 11.71 -22.41
N ARG E 232 -3.71 12.44 -22.53
CA ARG E 232 -4.14 13.07 -23.80
C ARG E 232 -3.98 14.57 -23.64
N LEU E 233 -3.20 15.18 -24.53
CA LEU E 233 -2.97 16.62 -24.55
C LEU E 233 -4.27 17.43 -24.46
N VAL E 234 -4.29 18.47 -23.61
CA VAL E 234 -5.45 19.38 -23.50
C VAL E 234 -4.99 20.82 -23.21
N ASP E 235 -5.65 21.81 -23.80
CA ASP E 235 -5.39 23.21 -23.45
CA ASP E 235 -5.40 23.22 -23.44
C ASP E 235 -6.05 23.53 -22.10
N ALA E 236 -5.42 24.42 -21.32
CA ALA E 236 -5.97 24.80 -20.02
C ALA E 236 -7.42 25.26 -20.08
N GLY E 237 -7.80 26.00 -21.11
CA GLY E 237 -9.16 26.50 -21.23
C GLY E 237 -10.21 25.50 -21.66
N ASP E 238 -9.77 24.30 -22.05
CA ASP E 238 -10.69 23.20 -22.46
C ASP E 238 -10.90 22.07 -21.43
N ILE E 239 -10.02 21.99 -20.43
CA ILE E 239 -10.05 20.83 -19.56
C ILE E 239 -11.31 20.77 -18.67
N ALA E 240 -11.78 21.92 -18.18
CA ALA E 240 -12.97 21.97 -17.31
C ALA E 240 -14.15 21.31 -18.01
N GLY E 241 -14.34 21.66 -19.29
CA GLY E 241 -15.32 21.06 -20.17
C GLY E 241 -15.21 19.53 -20.25
N PHE E 242 -13.99 19.02 -20.28
CA PHE E 242 -13.82 17.56 -20.37
C PHE E 242 -14.03 16.88 -19.03
N LEU E 243 -13.59 17.51 -17.94
CA LEU E 243 -13.62 16.82 -16.64
C LEU E 243 -14.99 16.79 -15.98
N LEU E 244 -15.78 17.85 -16.18
CA LEU E 244 -17.04 17.99 -15.48
C LEU E 244 -18.23 17.80 -16.41
C FMT F . -25.47 12.36 -14.17
O1 FMT F . -25.55 11.44 -14.97
O2 FMT F . -24.43 12.64 -13.57
C FMT G . -30.85 -3.15 7.01
O1 FMT G . -31.86 -2.67 7.52
O2 FMT G . -30.35 -4.23 7.33
C FMT H . -16.06 6.39 26.61
O1 FMT H . -16.24 7.08 25.59
O2 FMT H . -15.57 6.81 27.66
#